data_4TV3
#
_entry.id   4TV3
#
_cell.length_a   58.038
_cell.length_b   136.773
_cell.length_c   142.644
_cell.angle_alpha   90.00
_cell.angle_beta   90.00
_cell.angle_gamma   90.00
#
_symmetry.space_group_name_H-M   'P 21 21 21'
#
loop_
_entity.id
_entity.type
_entity.pdbx_description
1 polymer 'Phosphatidylinositol 4,5-bisphosphate 3-kinase catalytic subunit alpha isoform'
2 non-polymer 2-amino-8-[trans-4-(2-hydroxyethoxy)cyclohexyl]-6-(6-methoxypyridin-3-yl)-4-methylpyrido[2,3-d]pyrimidin-7(8H)-one
3 water water
#
_entity_poly.entity_id   1
_entity_poly.type   'polypeptide(L)'
_entity_poly.pdbx_seq_one_letter_code
;GSVGNREEKILNREIGFAIGMPVCEFDMVKDPEVQDFRRNILNVCKEAVDLRDLNSPHSRAMYVYPPNVESSPELPKHIY
NKLDKGQIIVVIWVIVSPNNDKQKYTLKINHDCVPEQVIAEAIRKKTRSMLLSSEQLKLCVLEYQGKYILKVCGCDEYFL
EKYPLSQYKYIRSCIMLGRMPNLMLMAKESLYSQLPMDCFTMPSYSRRISTATPYMNGETSTKSLWVINSALRIKILCAT
YVNVNIRDIDKIYVRTGIYHGGEPLCDNVNTQRVPCSNPRWNEWLNYDIYIPDLPRAARLCLSICSVKGRKGAKEEHCPL
AWGNINLFDYTDTLVSGKMALNLWPVPHGLEDLLNPIGVTGSNPNKETPCLELEFDWFSSVVKFPDMSVIEEHANWSVSR
EAGFSYSHAGLSNRLARDNELRENDKEQLKAISTRDPLSEITEQEKDFLWSHRHYCVTIPEILPKLLLSVKWNSRDEVAQ
MYCLVKDWPPIKPEQAMELLDCNYPDPMVRGFAVRCLEKYLTDDKLSQYLIQLVQVLKYEQYLDNLLVRFLLKKALTNQR
IGHFFFWHLKSEMHNKTVSQRFGLLLESYCRACGMYLKHLNRQVEAMEKLINLTDILKQEKKDETQKVQMKFLVEQMRRP
DFMDALQGFLSPLNPAHQLGNLRLEECRIMSSAKRPLWLNWENPDIMSELLFQNNEIIFKNGDDLRQDMLTLQIIRIMEN
IWQNQGLDLRMLPYGCLSIGDCVGLIEVVRNSHTIMQIQCKGGLKGALQFNSHTLHQWLKDKNKGEIYDAAIDLFTRSCA
GYCVATFILGIGDRHNSNIMVKDDGQLFHIDFGHFLDHKKKKFGYKRERVPFVLTQDFLIVISKGAQECTKTREFERFQE
MCYKAYLAIRQHANLFINLFSMMLGSGMPELQSFDDIAYIRKTLALDKTEQEALEYFMKQMNDAHH
;
_entity_poly.pdbx_strand_id   A
#
# COMPACT_ATOMS: atom_id res chain seq x y z
N ASN A 5 18.43 20.41 -24.95
CA ASN A 5 17.83 21.70 -25.28
C ASN A 5 17.71 22.63 -24.04
N ARG A 6 16.83 23.66 -24.11
CA ARG A 6 16.58 24.59 -23.01
C ARG A 6 15.63 23.96 -21.98
N GLU A 7 14.43 23.51 -22.44
CA GLU A 7 13.40 22.87 -21.61
C GLU A 7 13.85 21.52 -21.01
N GLU A 8 14.62 20.72 -21.79
CA GLU A 8 15.18 19.44 -21.36
C GLU A 8 16.17 19.63 -20.20
N LYS A 9 16.97 20.72 -20.22
CA LYS A 9 17.92 21.01 -19.14
C LYS A 9 17.23 21.45 -17.81
N ILE A 10 16.12 22.22 -17.93
CA ILE A 10 15.29 22.73 -16.83
C ILE A 10 14.55 21.53 -16.21
N LEU A 11 14.00 20.64 -17.07
CA LEU A 11 13.28 19.44 -16.63
C LEU A 11 14.14 18.54 -15.76
N ASN A 12 15.36 18.21 -16.22
CA ASN A 12 16.29 17.31 -15.51
C ASN A 12 16.74 17.81 -14.13
N ARG A 13 16.75 19.15 -13.92
CA ARG A 13 17.13 19.76 -12.63
C ARG A 13 15.95 19.61 -11.68
N GLU A 14 14.71 19.74 -12.24
CA GLU A 14 13.46 19.57 -11.52
C GLU A 14 13.26 18.08 -11.14
N ILE A 15 13.49 17.14 -12.09
CA ILE A 15 13.39 15.68 -11.85
C ILE A 15 14.42 15.27 -10.78
N GLY A 16 15.64 15.81 -10.89
CA GLY A 16 16.75 15.55 -9.98
C GLY A 16 16.44 15.90 -8.56
N PHE A 17 15.83 17.09 -8.33
CA PHE A 17 15.43 17.57 -7.00
C PHE A 17 14.36 16.69 -6.41
N ALA A 18 13.35 16.31 -7.23
CA ALA A 18 12.26 15.44 -6.81
C ALA A 18 12.76 14.08 -6.31
N ILE A 19 13.67 13.44 -7.06
CA ILE A 19 14.24 12.13 -6.72
C ILE A 19 15.29 12.26 -5.59
N GLY A 20 16.08 13.32 -5.62
CA GLY A 20 17.09 13.58 -4.60
C GLY A 20 18.49 13.22 -5.05
N MET A 21 18.67 13.07 -6.38
CA MET A 21 19.91 12.72 -7.04
C MET A 21 19.83 13.20 -8.50
N PRO A 22 20.96 13.58 -9.16
CA PRO A 22 20.87 14.03 -10.56
C PRO A 22 20.52 12.91 -11.55
N VAL A 23 19.91 13.31 -12.68
CA VAL A 23 19.50 12.43 -13.76
C VAL A 23 20.72 11.87 -14.51
N CYS A 24 21.77 12.71 -14.70
CA CYS A 24 23.01 12.35 -15.39
C CYS A 24 23.63 11.08 -14.81
N GLU A 25 23.38 10.81 -13.50
CA GLU A 25 23.84 9.63 -12.78
C GLU A 25 23.25 8.37 -13.36
N PHE A 26 21.94 8.39 -13.73
CA PHE A 26 21.25 7.23 -14.32
C PHE A 26 21.81 6.84 -15.68
N ASP A 27 22.40 7.80 -16.40
CA ASP A 27 22.99 7.57 -17.72
C ASP A 27 24.32 6.84 -17.52
N MET A 28 25.12 7.29 -16.51
CA MET A 28 26.40 6.71 -16.11
C MET A 28 26.17 5.42 -15.30
N VAL A 29 25.29 4.53 -15.85
CA VAL A 29 24.92 3.21 -15.34
C VAL A 29 24.95 2.29 -16.56
N LYS A 30 25.85 1.30 -16.56
CA LYS A 30 26.07 0.39 -17.68
C LYS A 30 25.18 -0.87 -17.71
N ASP A 31 24.16 -0.98 -16.84
CA ASP A 31 23.26 -2.14 -16.89
C ASP A 31 22.30 -1.97 -18.11
N PRO A 32 22.29 -2.93 -19.07
CA PRO A 32 21.40 -2.78 -20.23
C PRO A 32 19.93 -2.67 -19.82
N GLU A 33 19.54 -3.32 -18.72
CA GLU A 33 18.17 -3.35 -18.19
C GLU A 33 17.73 -1.98 -17.73
N VAL A 34 18.64 -1.24 -17.07
CA VAL A 34 18.38 0.10 -16.55
C VAL A 34 18.07 0.97 -17.75
N GLN A 35 19.00 1.03 -18.73
CA GLN A 35 18.81 1.82 -19.96
C GLN A 35 17.62 1.32 -20.83
N ASP A 36 17.27 0.01 -20.78
CA ASP A 36 16.11 -0.52 -21.51
C ASP A 36 14.83 -0.06 -20.83
N PHE A 37 14.74 -0.21 -19.48
CA PHE A 37 13.58 0.24 -18.69
C PHE A 37 13.34 1.71 -19.04
N ARG A 38 14.40 2.54 -18.94
CA ARG A 38 14.37 3.95 -19.25
C ARG A 38 13.73 4.28 -20.59
N ARG A 39 14.05 3.47 -21.61
CA ARG A 39 13.53 3.71 -22.96
C ARG A 39 12.16 3.06 -23.19
N ASN A 40 12.01 1.80 -22.78
CA ASN A 40 10.81 1.00 -22.98
C ASN A 40 9.61 1.39 -22.19
N ILE A 41 9.78 2.24 -21.15
CA ILE A 41 8.67 2.66 -20.30
C ILE A 41 7.93 3.83 -20.89
N LEU A 42 8.63 4.57 -21.77
CA LEU A 42 8.19 5.79 -22.42
C LEU A 42 6.83 5.71 -23.13
N ASN A 43 6.35 4.51 -23.50
CA ASN A 43 5.02 4.40 -24.09
C ASN A 43 3.91 4.50 -23.05
N VAL A 44 4.17 4.04 -21.80
CA VAL A 44 3.21 4.17 -20.68
C VAL A 44 3.03 5.68 -20.42
N CYS A 45 4.12 6.45 -20.56
CA CYS A 45 4.11 7.91 -20.43
C CYS A 45 3.24 8.47 -21.56
N LYS A 46 3.58 8.11 -22.82
CA LYS A 46 2.87 8.50 -24.05
C LYS A 46 1.35 8.26 -23.97
N GLU A 47 0.90 7.09 -23.51
CA GLU A 47 -0.51 6.75 -23.40
C GLU A 47 -1.24 7.57 -22.38
N ALA A 48 -0.58 7.87 -21.25
CA ALA A 48 -1.15 8.63 -20.14
C ALA A 48 -1.39 10.07 -20.57
N VAL A 49 -0.35 10.76 -21.11
CA VAL A 49 -0.37 12.11 -21.66
C VAL A 49 -1.44 12.20 -22.75
N ASP A 50 -1.50 11.20 -23.69
CA ASP A 50 -2.48 11.14 -24.78
C ASP A 50 -3.93 11.14 -24.27
N LEU A 51 -4.20 10.43 -23.15
CA LEU A 51 -5.52 10.37 -22.53
C LEU A 51 -5.90 11.73 -21.95
N ARG A 52 -4.89 12.47 -21.45
CA ARG A 52 -5.06 13.82 -20.90
C ARG A 52 -5.22 14.86 -22.01
N ASP A 53 -4.65 14.58 -23.20
CA ASP A 53 -4.75 15.47 -24.35
C ASP A 53 -5.99 15.15 -25.18
N LEU A 54 -6.66 14.01 -24.89
CA LEU A 54 -7.81 13.54 -25.64
C LEU A 54 -8.95 14.57 -25.66
N ASN A 55 -9.67 14.73 -24.53
CA ASN A 55 -10.79 15.65 -24.36
C ASN A 55 -10.35 17.00 -23.72
N SER A 56 -9.09 17.42 -23.97
CA SER A 56 -8.50 18.68 -23.48
C SER A 56 -9.51 19.85 -23.67
N PRO A 57 -9.76 20.73 -22.68
CA PRO A 57 -9.11 20.83 -21.35
C PRO A 57 -9.82 20.03 -20.26
N HIS A 58 -11.06 19.58 -20.50
CA HIS A 58 -11.81 18.82 -19.53
C HIS A 58 -11.05 17.58 -19.08
N SER A 59 -10.38 16.87 -20.01
CA SER A 59 -9.65 15.64 -19.66
C SER A 59 -8.42 15.96 -18.80
N ARG A 60 -7.79 17.14 -19.01
CA ARG A 60 -6.66 17.64 -18.20
C ARG A 60 -7.11 18.04 -16.78
N ALA A 61 -8.38 18.46 -16.63
CA ALA A 61 -9.02 18.86 -15.37
C ALA A 61 -9.31 17.63 -14.54
N MET A 62 -9.76 16.56 -15.19
CA MET A 62 -10.08 15.25 -14.59
C MET A 62 -8.78 14.59 -14.09
N TYR A 63 -7.66 14.90 -14.74
CA TYR A 63 -6.36 14.39 -14.36
C TYR A 63 -5.97 15.09 -13.05
N VAL A 64 -5.75 16.43 -13.13
CA VAL A 64 -5.35 17.32 -12.04
C VAL A 64 -6.32 17.31 -10.85
N TYR A 65 -7.64 17.30 -11.11
CA TYR A 65 -8.65 17.23 -10.04
C TYR A 65 -9.58 16.07 -10.29
N PRO A 66 -9.15 14.80 -10.02
CA PRO A 66 -10.05 13.68 -10.30
C PRO A 66 -11.23 13.67 -9.35
N PRO A 67 -12.44 13.25 -9.78
CA PRO A 67 -13.56 13.19 -8.83
C PRO A 67 -13.21 12.22 -7.67
N ASN A 68 -13.47 12.62 -6.42
CA ASN A 68 -13.16 11.81 -5.24
C ASN A 68 -14.44 11.10 -4.78
N VAL A 69 -14.80 10.06 -5.53
CA VAL A 69 -16.01 9.26 -5.35
C VAL A 69 -15.75 7.90 -4.70
N GLU A 70 -16.79 7.37 -4.00
CA GLU A 70 -16.80 6.03 -3.37
C GLU A 70 -16.87 4.99 -4.52
N SER A 71 -16.65 3.68 -4.22
CA SER A 71 -16.63 2.68 -5.31
C SER A 71 -18.02 2.34 -5.89
N SER A 72 -19.08 2.29 -5.04
CA SER A 72 -20.45 1.99 -5.48
C SER A 72 -21.45 3.16 -5.35
N PRO A 73 -22.30 3.41 -6.38
CA PRO A 73 -23.32 4.47 -6.27
C PRO A 73 -24.43 4.13 -5.29
N GLU A 74 -24.55 2.83 -4.93
CA GLU A 74 -25.51 2.30 -3.96
C GLU A 74 -25.10 2.74 -2.55
N LEU A 75 -26.06 3.20 -1.77
CA LEU A 75 -25.85 3.66 -0.40
C LEU A 75 -26.37 2.58 0.56
N PRO A 76 -25.74 2.34 1.74
CA PRO A 76 -26.31 1.36 2.68
C PRO A 76 -27.62 1.87 3.29
N LYS A 77 -28.40 0.97 3.95
CA LYS A 77 -29.70 1.31 4.54
C LYS A 77 -29.63 2.44 5.57
N HIS A 78 -28.68 2.35 6.52
CA HIS A 78 -28.50 3.34 7.59
C HIS A 78 -28.06 4.73 7.09
N ILE A 79 -27.47 4.81 5.89
CA ILE A 79 -27.04 6.08 5.32
C ILE A 79 -28.21 6.76 4.64
N TYR A 80 -28.93 6.03 3.75
CA TYR A 80 -30.13 6.48 3.04
C TYR A 80 -31.22 6.97 4.01
N ASN A 81 -31.34 6.32 5.18
CA ASN A 81 -32.30 6.63 6.23
C ASN A 81 -32.11 8.03 6.84
N LYS A 82 -30.86 8.57 6.79
CA LYS A 82 -30.52 9.89 7.32
C LYS A 82 -31.12 11.01 6.46
N LEU A 83 -31.29 10.76 5.14
CA LEU A 83 -31.87 11.70 4.16
C LEU A 83 -33.37 11.92 4.41
N ASP A 84 -33.81 13.21 4.49
CA ASP A 84 -35.21 13.59 4.69
C ASP A 84 -36.00 13.27 3.43
N LYS A 85 -36.48 12.01 3.34
CA LYS A 85 -37.24 11.40 2.24
C LYS A 85 -36.37 11.25 0.97
N GLY A 86 -35.19 10.65 1.14
CA GLY A 86 -34.21 10.40 0.08
C GLY A 86 -33.60 11.66 -0.52
N GLN A 87 -33.88 12.81 0.08
CA GLN A 87 -33.42 14.12 -0.36
C GLN A 87 -32.43 14.69 0.63
N ILE A 88 -31.48 15.50 0.12
CA ILE A 88 -30.40 16.13 0.89
C ILE A 88 -30.47 17.66 0.82
N ILE A 89 -30.27 18.34 1.97
CA ILE A 89 -30.21 19.80 2.01
C ILE A 89 -28.72 20.24 1.74
N VAL A 90 -28.47 20.83 0.56
CA VAL A 90 -27.16 21.29 0.08
C VAL A 90 -27.05 22.84 0.07
N VAL A 91 -25.85 23.41 0.35
CA VAL A 91 -25.65 24.88 0.32
C VAL A 91 -24.64 25.30 -0.76
N ILE A 92 -25.12 25.99 -1.80
CA ILE A 92 -24.29 26.43 -2.92
C ILE A 92 -23.94 27.90 -2.78
N TRP A 93 -22.63 28.20 -2.78
CA TRP A 93 -22.08 29.54 -2.61
C TRP A 93 -21.56 30.18 -3.87
N VAL A 94 -21.72 31.51 -3.95
CA VAL A 94 -21.33 32.34 -5.08
C VAL A 94 -20.45 33.51 -4.56
N ILE A 95 -19.34 33.81 -5.28
CA ILE A 95 -18.43 34.93 -4.97
C ILE A 95 -18.79 36.03 -5.96
N VAL A 96 -19.52 37.01 -5.45
CA VAL A 96 -20.17 38.10 -6.17
C VAL A 96 -19.34 39.35 -6.26
N SER A 97 -19.61 40.16 -7.32
CA SER A 97 -19.12 41.52 -7.61
C SER A 97 -17.58 41.70 -7.43
N PRO A 98 -17.02 42.95 -7.37
CA PRO A 98 -15.56 43.08 -7.15
C PRO A 98 -15.14 42.90 -5.68
N ASN A 99 -16.09 43.16 -4.74
CA ASN A 99 -15.90 43.04 -3.28
C ASN A 99 -15.95 41.59 -2.77
N ASN A 100 -15.88 40.59 -3.69
CA ASN A 100 -15.89 39.13 -3.50
C ASN A 100 -16.87 38.68 -2.36
N ASP A 101 -18.15 39.07 -2.52
CA ASP A 101 -19.20 38.80 -1.55
C ASP A 101 -19.64 37.35 -1.63
N LYS A 102 -19.58 36.66 -0.49
CA LYS A 102 -20.01 35.27 -0.42
C LYS A 102 -21.53 35.27 -0.23
N GLN A 103 -22.28 34.65 -1.16
CA GLN A 103 -23.74 34.57 -1.10
C GLN A 103 -24.20 33.13 -1.23
N LYS A 104 -24.89 32.62 -0.18
CA LYS A 104 -25.37 31.25 -0.12
C LYS A 104 -26.77 31.08 -0.71
N TYR A 105 -27.02 29.95 -1.42
CA TYR A 105 -28.31 29.54 -1.99
C TYR A 105 -28.59 28.09 -1.58
N THR A 106 -29.40 27.91 -0.53
CA THR A 106 -29.75 26.60 0.02
C THR A 106 -30.70 25.81 -0.90
N LEU A 107 -30.50 24.49 -0.98
CA LEU A 107 -31.30 23.55 -1.75
C LEU A 107 -31.68 22.30 -0.90
N LYS A 108 -32.68 21.52 -1.40
CA LYS A 108 -33.20 20.24 -0.86
C LYS A 108 -33.49 19.48 -2.13
N ILE A 109 -32.58 18.57 -2.51
CA ILE A 109 -32.70 17.84 -3.76
C ILE A 109 -32.26 16.38 -3.59
N ASN A 110 -32.59 15.53 -4.60
CA ASN A 110 -32.28 14.09 -4.65
C ASN A 110 -30.78 13.87 -4.48
N HIS A 111 -30.40 13.04 -3.50
CA HIS A 111 -28.99 12.73 -3.22
C HIS A 111 -28.27 12.19 -4.47
N ASP A 112 -28.99 11.55 -5.40
CA ASP A 112 -28.41 10.99 -6.61
C ASP A 112 -28.38 11.96 -7.80
N CYS A 113 -28.51 13.27 -7.53
CA CYS A 113 -28.44 14.29 -8.58
C CYS A 113 -27.01 14.46 -9.07
N VAL A 114 -26.84 14.55 -10.37
CA VAL A 114 -25.54 14.74 -10.99
C VAL A 114 -25.09 16.23 -10.82
N PRO A 115 -23.76 16.55 -10.67
CA PRO A 115 -23.36 17.97 -10.50
C PRO A 115 -23.98 18.97 -11.49
N GLU A 116 -24.29 18.57 -12.75
CA GLU A 116 -24.92 19.47 -13.73
C GLU A 116 -26.36 19.79 -13.35
N GLN A 117 -27.02 18.83 -12.68
CA GLN A 117 -28.37 18.98 -12.17
C GLN A 117 -28.32 19.90 -10.97
N VAL A 118 -27.50 19.60 -9.93
CA VAL A 118 -27.37 20.44 -8.73
C VAL A 118 -27.16 21.92 -9.15
N ILE A 119 -26.24 22.17 -10.12
CA ILE A 119 -25.98 23.52 -10.66
C ILE A 119 -27.28 24.18 -11.15
N ALA A 120 -28.11 23.46 -11.95
CA ALA A 120 -29.37 23.94 -12.52
C ALA A 120 -30.31 24.50 -11.45
N GLU A 121 -30.56 23.74 -10.38
CA GLU A 121 -31.40 24.19 -9.27
C GLU A 121 -30.78 25.45 -8.63
N ALA A 122 -29.43 25.49 -8.48
CA ALA A 122 -28.72 26.64 -7.90
C ALA A 122 -28.84 27.91 -8.77
N ILE A 123 -28.91 27.76 -10.10
CA ILE A 123 -29.12 28.90 -11.01
C ILE A 123 -30.60 29.32 -10.92
N ARG A 124 -31.52 28.32 -10.79
CA ARG A 124 -32.96 28.49 -10.64
C ARG A 124 -33.28 29.27 -9.35
N LYS A 125 -32.57 28.99 -8.25
CA LYS A 125 -32.76 29.73 -7.00
C LYS A 125 -32.14 31.14 -7.09
N LYS A 126 -31.06 31.29 -7.89
CA LYS A 126 -30.38 32.57 -8.09
C LYS A 126 -31.24 33.51 -8.95
N THR A 127 -31.92 32.96 -9.99
CA THR A 127 -32.82 33.69 -10.89
C THR A 127 -34.10 34.09 -10.13
N ARG A 128 -34.53 33.27 -9.15
CA ARG A 128 -35.72 33.52 -8.32
C ARG A 128 -35.47 34.51 -7.17
N SER A 129 -34.20 34.66 -6.71
CA SER A 129 -33.79 35.53 -5.60
C SER A 129 -33.88 37.05 -5.93
N MET A 130 -34.84 37.41 -6.79
CA MET A 130 -35.10 38.78 -7.24
C MET A 130 -36.62 39.02 -7.29
N LEU A 131 -37.38 38.07 -7.91
CA LEU A 131 -38.85 38.06 -8.08
C LEU A 131 -39.33 39.24 -8.91
N TYR A 144 -28.33 31.74 -17.64
CA TYR A 144 -27.05 31.08 -17.92
C TYR A 144 -27.25 29.58 -18.22
N GLN A 145 -26.23 28.94 -18.85
CA GLN A 145 -26.24 27.51 -19.21
C GLN A 145 -25.34 26.70 -18.23
N GLY A 146 -24.66 25.65 -18.73
CA GLY A 146 -23.79 24.80 -17.93
C GLY A 146 -22.30 25.06 -18.10
N LYS A 147 -21.89 26.33 -18.05
CA LYS A 147 -20.50 26.76 -18.17
C LYS A 147 -19.91 26.91 -16.76
N TYR A 148 -20.48 26.16 -15.78
CA TYR A 148 -20.08 26.18 -14.37
C TYR A 148 -19.73 24.79 -13.83
N ILE A 149 -18.95 24.78 -12.74
CA ILE A 149 -18.50 23.58 -12.02
C ILE A 149 -18.61 23.80 -10.50
N LEU A 150 -18.69 22.69 -9.75
CA LEU A 150 -18.79 22.67 -8.30
C LEU A 150 -17.46 22.29 -7.66
N LYS A 151 -17.17 22.95 -6.54
CA LYS A 151 -15.95 22.82 -5.75
C LYS A 151 -16.33 22.74 -4.24
N VAL A 152 -15.59 21.95 -3.45
CA VAL A 152 -15.82 21.88 -2.00
C VAL A 152 -15.25 23.16 -1.39
N CYS A 153 -16.04 23.80 -0.52
CA CYS A 153 -15.60 25.01 0.16
C CYS A 153 -14.43 24.67 1.09
N GLY A 154 -13.31 25.36 0.90
CA GLY A 154 -12.13 25.23 1.74
C GLY A 154 -11.04 24.28 1.31
N CYS A 155 -11.20 23.57 0.17
CA CYS A 155 -10.21 22.63 -0.38
C CYS A 155 -10.35 22.41 -1.88
N ASP A 156 -9.26 22.04 -2.57
CA ASP A 156 -9.30 21.81 -4.02
C ASP A 156 -9.81 20.44 -4.42
N GLU A 157 -11.11 20.21 -4.20
CA GLU A 157 -11.82 18.99 -4.60
C GLU A 157 -12.95 19.49 -5.48
N TYR A 158 -12.98 19.03 -6.75
CA TYR A 158 -13.98 19.43 -7.73
C TYR A 158 -14.93 18.29 -8.06
N PHE A 159 -16.10 18.63 -8.67
CA PHE A 159 -17.18 17.70 -9.02
C PHE A 159 -17.35 17.71 -10.55
N LEU A 160 -16.25 17.43 -11.27
CA LEU A 160 -16.14 17.42 -12.72
C LEU A 160 -16.79 16.22 -13.44
N GLU A 161 -17.41 15.25 -12.70
CA GLU A 161 -18.02 14.09 -13.38
C GLU A 161 -19.47 13.79 -12.95
N LYS A 162 -20.27 13.26 -13.92
CA LYS A 162 -21.70 12.91 -13.78
C LYS A 162 -21.96 11.74 -12.80
N TYR A 163 -21.55 11.86 -11.54
CA TYR A 163 -21.80 10.82 -10.55
C TYR A 163 -22.95 11.26 -9.70
N PRO A 164 -23.76 10.35 -9.13
CA PRO A 164 -24.77 10.79 -8.15
C PRO A 164 -24.07 11.63 -7.08
N LEU A 165 -24.67 12.75 -6.66
CA LEU A 165 -24.05 13.63 -5.69
C LEU A 165 -23.61 12.91 -4.42
N SER A 166 -24.40 11.91 -3.98
CA SER A 166 -24.13 11.10 -2.78
C SER A 166 -22.91 10.17 -2.93
N GLN A 167 -22.46 9.88 -4.18
CA GLN A 167 -21.27 9.05 -4.43
C GLN A 167 -19.95 9.76 -4.06
N TYR A 168 -19.89 11.11 -4.21
CA TYR A 168 -18.73 11.92 -3.82
C TYR A 168 -18.50 11.78 -2.32
N LYS A 169 -17.26 11.45 -1.94
CA LYS A 169 -16.87 11.17 -0.56
C LYS A 169 -17.19 12.31 0.43
N TYR A 170 -17.17 13.58 -0.04
CA TYR A 170 -17.46 14.75 0.81
C TYR A 170 -18.95 14.74 1.15
N ILE A 171 -19.80 14.53 0.13
CA ILE A 171 -21.26 14.47 0.25
C ILE A 171 -21.70 13.30 1.13
N ARG A 172 -21.14 12.08 0.90
CA ARG A 172 -21.49 10.89 1.70
C ARG A 172 -21.06 11.06 3.16
N SER A 173 -19.85 11.61 3.38
CA SER A 173 -19.31 11.92 4.70
C SER A 173 -20.23 12.90 5.42
N CYS A 174 -20.70 13.94 4.70
CA CYS A 174 -21.61 14.96 5.22
C CYS A 174 -22.89 14.28 5.73
N ILE A 175 -23.53 13.39 4.91
CA ILE A 175 -24.74 12.65 5.29
C ILE A 175 -24.50 11.90 6.60
N MET A 176 -23.42 11.10 6.62
CA MET A 176 -22.95 10.28 7.73
C MET A 176 -22.77 11.15 9.00
N LEU A 177 -22.15 12.32 8.86
CA LEU A 177 -21.89 13.26 9.96
C LEU A 177 -23.09 14.07 10.42
N GLY A 178 -24.12 14.17 9.56
CA GLY A 178 -25.28 15.01 9.83
C GLY A 178 -24.92 16.47 9.69
N ARG A 179 -23.97 16.75 8.77
CA ARG A 179 -23.43 18.06 8.38
C ARG A 179 -23.97 18.40 7.00
N MET A 180 -24.19 19.69 6.77
CA MET A 180 -24.74 20.17 5.51
C MET A 180 -23.61 20.44 4.54
N PRO A 181 -23.65 19.86 3.32
CA PRO A 181 -22.59 20.15 2.35
C PRO A 181 -22.57 21.62 1.95
N ASN A 182 -21.37 22.22 1.97
CA ASN A 182 -21.06 23.59 1.53
C ASN A 182 -20.20 23.50 0.25
N LEU A 183 -20.81 23.81 -0.89
CA LEU A 183 -20.14 23.77 -2.17
C LEU A 183 -20.13 25.14 -2.81
N MET A 184 -19.04 25.51 -3.47
CA MET A 184 -18.90 26.81 -4.15
C MET A 184 -19.05 26.63 -5.65
N LEU A 185 -19.84 27.50 -6.28
CA LEU A 185 -20.09 27.47 -7.71
C LEU A 185 -19.08 28.38 -8.40
N MET A 186 -18.42 27.89 -9.46
CA MET A 186 -17.46 28.70 -10.19
C MET A 186 -17.43 28.38 -11.69
N ALA A 187 -16.93 29.30 -12.52
CA ALA A 187 -16.87 29.13 -13.97
C ALA A 187 -15.85 28.08 -14.40
N LYS A 188 -16.21 27.26 -15.43
CA LYS A 188 -15.35 26.24 -16.05
C LYS A 188 -14.10 26.94 -16.58
N GLU A 189 -14.28 28.15 -17.17
CA GLU A 189 -13.20 28.95 -17.73
C GLU A 189 -12.18 29.43 -16.70
N SER A 190 -12.66 29.74 -15.47
CA SER A 190 -11.79 30.18 -14.37
C SER A 190 -10.89 29.05 -13.83
N LEU A 191 -11.36 27.79 -13.94
CA LEU A 191 -10.61 26.61 -13.53
C LEU A 191 -9.59 26.25 -14.61
N TYR A 192 -10.03 26.24 -15.89
CA TYR A 192 -9.18 25.94 -17.06
C TYR A 192 -8.07 27.00 -17.26
N SER A 193 -8.27 28.21 -16.72
CA SER A 193 -7.31 29.31 -16.74
C SER A 193 -6.13 28.98 -15.80
N GLN A 194 -6.33 28.01 -14.88
CA GLN A 194 -5.34 27.55 -13.91
C GLN A 194 -4.55 26.31 -14.41
N LEU A 195 -5.06 25.61 -15.48
CA LEU A 195 -4.41 24.44 -16.09
C LEU A 195 -3.47 24.88 -17.23
N PRO A 196 -2.11 24.78 -17.07
CA PRO A 196 -1.19 25.28 -18.10
C PRO A 196 -0.97 24.34 -19.29
N MET A 197 -0.34 24.87 -20.38
CA MET A 197 -0.01 24.15 -21.62
C MET A 197 1.28 23.30 -21.45
N ASP A 198 1.10 22.03 -21.06
CA ASP A 198 2.15 21.04 -20.83
C ASP A 198 2.49 20.30 -22.12
N CYS A 199 3.79 19.96 -22.30
CA CYS A 199 4.29 19.25 -23.47
C CYS A 199 5.21 18.10 -23.05
N PHE A 200 4.95 16.88 -23.58
CA PHE A 200 5.81 15.73 -23.34
C PHE A 200 6.87 15.67 -24.43
N THR A 201 8.13 15.51 -24.04
CA THR A 201 9.27 15.47 -24.96
C THR A 201 10.01 14.16 -24.82
N MET A 202 10.54 13.64 -25.96
CA MET A 202 11.33 12.41 -26.00
C MET A 202 12.77 12.69 -25.58
N PRO A 203 13.23 12.15 -24.42
CA PRO A 203 14.60 12.45 -23.94
C PRO A 203 15.74 11.98 -24.86
N SER A 204 16.94 12.53 -24.61
CA SER A 204 18.18 12.28 -25.36
C SER A 204 18.70 10.83 -25.31
N TYR A 205 18.29 10.04 -24.28
CA TYR A 205 18.74 8.64 -24.13
C TYR A 205 18.04 7.64 -25.08
N SER A 206 16.79 7.94 -25.51
CA SER A 206 15.98 7.09 -26.39
C SER A 206 16.56 6.94 -27.81
N ARG A 207 17.29 7.98 -28.30
CA ARG A 207 17.95 8.02 -29.60
C ARG A 207 19.13 8.99 -29.56
N LYS A 223 20.84 -19.32 -30.90
CA LYS A 223 20.16 -19.55 -29.63
C LYS A 223 19.50 -20.96 -29.53
N SER A 224 19.37 -21.51 -28.30
CA SER A 224 18.79 -22.82 -27.97
C SER A 224 17.74 -22.67 -26.83
N LEU A 225 16.77 -23.60 -26.69
CA LEU A 225 15.68 -23.51 -25.69
C LEU A 225 15.73 -24.60 -24.55
N TRP A 226 14.99 -25.71 -24.78
CA TRP A 226 14.89 -26.90 -23.93
C TRP A 226 15.73 -28.03 -24.59
N VAL A 227 16.58 -27.64 -25.57
CA VAL A 227 17.50 -28.49 -26.34
C VAL A 227 18.74 -28.86 -25.46
N ILE A 228 18.76 -28.37 -24.20
CA ILE A 228 19.83 -28.58 -23.23
C ILE A 228 19.52 -29.80 -22.37
N ASN A 229 20.10 -30.95 -22.75
CA ASN A 229 19.95 -32.21 -22.02
C ASN A 229 21.12 -32.23 -21.03
N SER A 230 20.96 -31.54 -19.86
CA SER A 230 21.97 -31.38 -18.82
C SER A 230 21.39 -30.96 -17.45
N ALA A 231 22.06 -31.35 -16.34
CA ALA A 231 21.68 -30.99 -14.96
C ALA A 231 22.35 -29.67 -14.55
N LEU A 232 21.72 -28.90 -13.63
CA LEU A 232 22.29 -27.61 -13.27
C LEU A 232 23.40 -27.73 -12.25
N ARG A 233 24.51 -27.06 -12.55
CA ARG A 233 25.63 -26.92 -11.65
C ARG A 233 26.12 -25.49 -11.72
N ILE A 234 26.65 -25.00 -10.59
CA ILE A 234 27.17 -23.64 -10.47
C ILE A 234 28.49 -23.77 -9.76
N LYS A 235 29.49 -23.06 -10.27
CA LYS A 235 30.83 -23.04 -9.70
C LYS A 235 30.97 -21.85 -8.73
N ILE A 236 31.39 -22.09 -7.48
CA ILE A 236 31.66 -21.02 -6.53
C ILE A 236 33.17 -20.86 -6.63
N LEU A 237 33.65 -19.83 -7.36
CA LEU A 237 35.09 -19.63 -7.55
C LEU A 237 35.75 -19.11 -6.26
N CYS A 238 35.50 -17.85 -5.86
CA CYS A 238 36.11 -17.29 -4.64
C CYS A 238 35.31 -16.14 -4.05
N ALA A 239 35.78 -15.63 -2.90
CA ALA A 239 35.20 -14.49 -2.20
C ALA A 239 36.27 -13.45 -1.81
N THR A 240 35.99 -12.16 -2.07
CA THR A 240 36.86 -11.03 -1.74
C THR A 240 36.12 -10.12 -0.77
N TYR A 241 36.84 -9.24 -0.05
CA TYR A 241 36.30 -8.34 1.00
C TYR A 241 35.71 -9.13 2.22
N VAL A 242 36.20 -10.37 2.44
CA VAL A 242 35.86 -11.27 3.54
C VAL A 242 37.17 -11.54 4.33
N ASN A 243 37.42 -10.76 5.42
CA ASN A 243 38.67 -10.91 6.18
C ASN A 243 38.44 -11.37 7.65
N VAL A 244 39.00 -10.63 8.64
CA VAL A 244 39.07 -10.87 10.09
C VAL A 244 37.69 -10.80 10.84
N ASN A 245 37.75 -10.83 12.22
CA ASN A 245 36.67 -10.81 13.22
C ASN A 245 35.98 -12.17 13.34
N ASP A 250 35.68 -19.49 13.19
CA ASP A 250 36.53 -20.64 12.89
C ASP A 250 36.63 -20.84 11.40
N LYS A 251 35.60 -21.44 10.75
CA LYS A 251 35.56 -21.67 9.30
C LYS A 251 34.37 -20.90 8.61
N ILE A 252 34.39 -20.81 7.24
CA ILE A 252 33.36 -20.17 6.39
C ILE A 252 33.05 -21.00 5.13
N TYR A 253 31.79 -20.90 4.66
CA TYR A 253 31.33 -21.59 3.46
C TYR A 253 30.23 -20.81 2.73
N VAL A 254 29.95 -21.20 1.50
CA VAL A 254 28.87 -20.62 0.70
C VAL A 254 27.67 -21.59 0.69
N ARG A 255 26.57 -21.20 1.37
CA ARG A 255 25.32 -21.96 1.36
C ARG A 255 24.55 -21.51 0.12
N THR A 256 24.13 -22.45 -0.75
CA THR A 256 23.37 -22.14 -1.99
C THR A 256 22.04 -22.92 -2.05
N GLY A 257 21.11 -22.39 -2.86
CA GLY A 257 19.83 -23.02 -3.09
C GLY A 257 19.15 -22.47 -4.32
N ILE A 258 18.38 -23.32 -4.98
CA ILE A 258 17.63 -22.89 -6.15
C ILE A 258 16.17 -22.78 -5.77
N TYR A 259 15.61 -21.57 -5.92
CA TYR A 259 14.27 -21.22 -5.46
C TYR A 259 13.35 -20.64 -6.50
N HIS A 260 12.07 -20.84 -6.26
CA HIS A 260 10.93 -20.28 -6.99
C HIS A 260 10.15 -19.68 -5.84
N GLY A 261 10.19 -18.36 -5.76
CA GLY A 261 9.65 -17.63 -4.62
C GLY A 261 10.52 -17.93 -3.41
N GLY A 262 9.87 -18.47 -2.38
CA GLY A 262 10.52 -18.86 -1.14
C GLY A 262 10.55 -20.35 -0.91
N GLU A 263 10.30 -21.13 -1.98
CA GLU A 263 10.29 -22.57 -1.93
C GLU A 263 11.43 -23.14 -2.77
N PRO A 264 12.19 -24.13 -2.22
CA PRO A 264 13.34 -24.68 -2.96
C PRO A 264 12.93 -25.60 -4.10
N LEU A 265 13.57 -25.47 -5.24
CA LEU A 265 13.24 -26.27 -6.40
C LEU A 265 13.97 -27.60 -6.35
N CYS A 266 14.75 -27.82 -5.27
CA CYS A 266 15.56 -29.00 -4.93
C CYS A 266 16.28 -28.76 -3.60
N ASP A 267 17.16 -29.67 -3.16
CA ASP A 267 17.90 -29.48 -1.91
C ASP A 267 19.03 -28.49 -2.05
N ASN A 268 19.25 -27.71 -0.98
CA ASN A 268 20.29 -26.70 -0.91
C ASN A 268 21.63 -27.37 -0.87
N VAL A 269 22.61 -26.80 -1.56
CA VAL A 269 23.96 -27.35 -1.67
C VAL A 269 24.95 -26.34 -1.11
N ASN A 270 25.76 -26.79 -0.16
CA ASN A 270 26.79 -25.98 0.50
C ASN A 270 28.17 -26.30 -0.08
N THR A 271 29.11 -25.34 0.00
CA THR A 271 30.51 -25.58 -0.44
C THR A 271 31.25 -26.25 0.75
N GLN A 272 32.55 -26.51 0.57
CA GLN A 272 33.37 -27.06 1.66
C GLN A 272 33.65 -25.93 2.66
N ARG A 273 33.86 -26.28 3.93
CA ARG A 273 34.18 -25.28 4.95
C ARG A 273 35.65 -24.77 4.70
N VAL A 274 35.97 -23.49 5.00
CA VAL A 274 37.28 -22.94 4.63
C VAL A 274 37.84 -21.92 5.68
N PRO A 275 39.20 -21.83 5.89
CA PRO A 275 39.74 -20.83 6.85
C PRO A 275 39.50 -19.36 6.46
N CYS A 276 38.82 -18.64 7.40
CA CYS A 276 38.32 -17.25 7.53
C CYS A 276 38.76 -16.24 6.44
N SER A 277 40.06 -15.80 6.44
CA SER A 277 40.61 -14.79 5.52
C SER A 277 40.93 -15.32 4.11
N ASN A 278 41.10 -16.66 3.96
CA ASN A 278 41.43 -17.28 2.68
C ASN A 278 40.18 -17.96 2.05
N PRO A 279 39.35 -17.25 1.24
CA PRO A 279 38.13 -17.86 0.72
C PRO A 279 38.16 -18.16 -0.79
N ARG A 280 38.75 -19.29 -1.18
CA ARG A 280 38.81 -19.70 -2.59
C ARG A 280 38.28 -21.13 -2.61
N TRP A 281 37.11 -21.34 -3.17
CA TRP A 281 36.51 -22.68 -3.17
C TRP A 281 36.78 -23.42 -4.49
N ASN A 282 36.62 -22.74 -5.64
CA ASN A 282 36.83 -23.31 -6.98
C ASN A 282 36.15 -24.67 -7.16
N GLU A 283 34.96 -24.81 -6.55
CA GLU A 283 34.09 -25.98 -6.43
C GLU A 283 32.85 -25.84 -7.32
N TRP A 284 32.43 -26.94 -7.97
CA TRP A 284 31.19 -27.02 -8.76
C TRP A 284 30.13 -27.64 -7.85
N LEU A 285 28.98 -26.96 -7.68
CA LEU A 285 27.86 -27.43 -6.87
C LEU A 285 26.83 -28.01 -7.84
N ASN A 286 26.41 -29.26 -7.58
CA ASN A 286 25.55 -30.04 -8.49
C ASN A 286 24.16 -30.24 -7.89
N TYR A 287 23.14 -29.61 -8.53
CA TYR A 287 21.75 -29.55 -8.04
C TYR A 287 20.84 -30.56 -8.68
N ASP A 288 19.83 -31.06 -7.93
CA ASP A 288 18.82 -32.02 -8.41
C ASP A 288 17.77 -31.39 -9.35
N ILE A 289 18.24 -30.68 -10.38
CA ILE A 289 17.37 -30.09 -11.38
C ILE A 289 18.06 -30.19 -12.70
N TYR A 290 17.28 -30.60 -13.68
CA TYR A 290 17.62 -30.73 -15.07
C TYR A 290 17.32 -29.31 -15.60
N ILE A 291 18.24 -28.72 -16.38
CA ILE A 291 18.13 -27.34 -16.86
C ILE A 291 16.75 -27.05 -17.56
N PRO A 292 16.20 -27.85 -18.53
CA PRO A 292 14.87 -27.49 -19.10
C PRO A 292 13.70 -27.54 -18.09
N ASP A 293 13.93 -28.10 -16.88
CA ASP A 293 12.94 -28.17 -15.79
C ASP A 293 12.93 -26.92 -14.90
N LEU A 294 13.82 -25.95 -15.17
CA LEU A 294 13.92 -24.67 -14.45
C LEU A 294 12.71 -23.78 -14.75
N PRO A 295 11.90 -23.35 -13.74
CA PRO A 295 10.79 -22.43 -14.04
C PRO A 295 11.32 -21.07 -14.50
N ARG A 296 10.46 -20.23 -15.09
CA ARG A 296 10.86 -18.91 -15.59
C ARG A 296 11.41 -17.99 -14.46
N ALA A 297 10.77 -18.01 -13.28
CA ALA A 297 11.17 -17.18 -12.11
C ALA A 297 12.15 -17.87 -11.14
N ALA A 298 12.93 -18.86 -11.63
CA ALA A 298 13.94 -19.61 -10.88
C ALA A 298 15.07 -18.67 -10.54
N ARG A 299 15.48 -18.75 -9.26
CA ARG A 299 16.53 -17.97 -8.62
C ARG A 299 17.60 -18.78 -7.87
N LEU A 300 18.83 -18.28 -7.95
CA LEU A 300 19.91 -18.84 -7.18
C LEU A 300 20.00 -17.94 -5.95
N CYS A 301 19.82 -18.53 -4.79
CA CYS A 301 19.87 -17.83 -3.52
C CYS A 301 21.09 -18.36 -2.78
N LEU A 302 22.00 -17.43 -2.47
CA LEU A 302 23.29 -17.70 -1.85
C LEU A 302 23.55 -16.83 -0.59
N SER A 303 24.45 -17.30 0.27
CA SER A 303 24.91 -16.64 1.48
C SER A 303 26.29 -17.16 1.94
N ILE A 304 27.10 -16.26 2.53
CA ILE A 304 28.39 -16.63 3.11
C ILE A 304 28.10 -16.87 4.60
N CYS A 305 28.31 -18.14 5.05
CA CYS A 305 28.04 -18.55 6.43
C CYS A 305 29.28 -18.82 7.26
N SER A 306 29.24 -18.43 8.54
CA SER A 306 30.30 -18.66 9.53
C SER A 306 29.94 -19.90 10.37
N VAL A 307 30.98 -20.65 10.83
CA VAL A 307 30.82 -21.81 11.71
C VAL A 307 31.60 -21.62 13.03
N LYS A 308 31.05 -22.14 14.15
CA LYS A 308 31.65 -22.01 15.49
C LYS A 308 31.50 -23.29 16.33
N GLU A 315 29.05 -25.78 15.14
CA GLU A 315 27.74 -25.99 15.75
C GLU A 315 26.78 -24.82 15.51
N GLU A 316 27.27 -23.55 15.68
CA GLU A 316 26.46 -22.34 15.47
C GLU A 316 26.81 -21.61 14.15
N HIS A 317 26.02 -21.92 13.09
CA HIS A 317 26.14 -21.36 11.75
C HIS A 317 25.47 -19.99 11.67
N CYS A 318 26.17 -18.99 11.11
CA CYS A 318 25.60 -17.65 10.98
C CYS A 318 25.77 -17.08 9.60
N PRO A 319 24.74 -16.41 9.02
CA PRO A 319 24.97 -15.78 7.72
C PRO A 319 25.75 -14.48 7.95
N LEU A 320 26.78 -14.26 7.12
CA LEU A 320 27.63 -13.07 7.17
C LEU A 320 27.09 -12.04 6.17
N ALA A 321 26.71 -12.51 4.97
CA ALA A 321 26.18 -11.76 3.84
C ALA A 321 25.29 -12.71 2.99
N TRP A 322 24.46 -12.14 2.10
CA TRP A 322 23.53 -12.84 1.24
C TRP A 322 23.40 -12.10 -0.13
N GLY A 323 22.81 -12.78 -1.08
CA GLY A 323 22.56 -12.25 -2.42
C GLY A 323 21.79 -13.26 -3.25
N ASN A 324 20.87 -12.80 -4.08
CA ASN A 324 20.08 -13.67 -4.93
C ASN A 324 20.27 -13.24 -6.37
N ILE A 325 20.20 -14.18 -7.31
CA ILE A 325 20.40 -13.97 -8.75
C ILE A 325 19.23 -14.64 -9.50
N ASN A 326 18.69 -13.96 -10.55
CA ASN A 326 17.67 -14.58 -11.39
C ASN A 326 18.44 -15.48 -12.35
N LEU A 327 18.04 -16.75 -12.46
CA LEU A 327 18.75 -17.64 -13.36
C LEU A 327 18.61 -17.24 -14.86
N PHE A 328 17.52 -16.46 -15.19
CA PHE A 328 17.23 -15.90 -16.52
C PHE A 328 17.27 -14.39 -16.41
N ASP A 329 17.84 -13.69 -17.40
CA ASP A 329 17.92 -12.23 -17.36
C ASP A 329 16.59 -11.62 -17.85
N TYR A 330 16.55 -10.27 -17.96
CA TYR A 330 15.33 -9.56 -18.35
C TYR A 330 14.87 -9.89 -19.77
N THR A 331 15.79 -10.35 -20.65
CA THR A 331 15.53 -10.71 -22.05
C THR A 331 15.23 -12.18 -22.25
N ASP A 332 15.07 -12.94 -21.15
CA ASP A 332 14.78 -14.38 -21.10
C ASP A 332 16.03 -15.30 -21.34
N THR A 333 17.23 -14.69 -21.37
CA THR A 333 18.50 -15.38 -21.60
C THR A 333 19.01 -16.03 -20.31
N LEU A 334 19.42 -17.31 -20.36
CA LEU A 334 19.97 -18.04 -19.19
C LEU A 334 21.38 -17.50 -18.82
N VAL A 335 21.65 -17.35 -17.52
CA VAL A 335 22.93 -16.83 -17.04
C VAL A 335 24.06 -17.82 -17.40
N SER A 336 25.12 -17.32 -18.05
CA SER A 336 26.26 -18.12 -18.46
C SER A 336 27.57 -17.37 -18.26
N GLY A 337 28.58 -18.12 -17.84
CA GLY A 337 29.94 -17.64 -17.63
C GLY A 337 30.27 -17.13 -16.25
N LYS A 338 31.43 -16.45 -16.16
CA LYS A 338 31.96 -15.82 -14.97
C LYS A 338 31.04 -14.66 -14.59
N MET A 339 30.81 -14.48 -13.30
CA MET A 339 29.93 -13.45 -12.76
C MET A 339 30.44 -13.13 -11.38
N ALA A 340 30.17 -11.91 -10.89
CA ALA A 340 30.54 -11.47 -9.55
C ALA A 340 29.36 -10.79 -8.90
N LEU A 341 29.01 -11.25 -7.70
CA LEU A 341 27.90 -10.67 -6.98
C LEU A 341 28.36 -10.04 -5.69
N ASN A 342 28.09 -8.74 -5.53
CA ASN A 342 28.38 -8.03 -4.28
C ASN A 342 27.23 -8.29 -3.32
N LEU A 343 27.58 -8.70 -2.12
CA LEU A 343 26.61 -9.16 -1.15
C LEU A 343 26.06 -8.07 -0.23
N TRP A 344 24.87 -8.35 0.32
CA TRP A 344 24.09 -7.49 1.21
C TRP A 344 24.22 -7.90 2.65
N PRO A 345 24.13 -6.97 3.63
CA PRO A 345 24.14 -7.37 5.05
C PRO A 345 22.87 -8.14 5.41
N VAL A 346 22.99 -9.15 6.32
CA VAL A 346 21.81 -9.91 6.71
C VAL A 346 20.74 -8.94 7.31
N PRO A 347 19.45 -9.08 6.93
CA PRO A 347 18.42 -8.21 7.53
C PRO A 347 18.27 -8.60 9.01
N HIS A 348 18.00 -7.60 9.88
CA HIS A 348 17.83 -7.84 11.33
C HIS A 348 16.64 -8.79 11.56
N GLY A 349 16.96 -9.96 12.14
CA GLY A 349 15.98 -10.99 12.41
C GLY A 349 15.67 -11.88 11.23
N LEU A 350 16.73 -12.53 10.65
CA LEU A 350 16.60 -13.47 9.55
C LEU A 350 16.47 -14.92 10.11
N GLU A 351 15.55 -15.71 9.51
CA GLU A 351 15.24 -17.10 9.90
C GLU A 351 16.41 -18.06 9.64
N ASP A 352 16.45 -18.70 8.43
CA ASP A 352 17.51 -19.66 8.03
C ASP A 352 18.83 -18.96 7.67
N LEU A 353 19.68 -19.70 6.97
CA LEU A 353 21.00 -19.26 6.55
C LEU A 353 20.92 -18.54 5.20
N LEU A 354 19.74 -18.57 4.54
CA LEU A 354 19.48 -17.91 3.27
C LEU A 354 18.33 -16.88 3.40
N ASN A 355 18.15 -16.02 2.37
CA ASN A 355 17.14 -14.96 2.27
C ASN A 355 16.42 -15.01 0.89
N PRO A 356 15.61 -16.06 0.60
CA PRO A 356 14.99 -16.15 -0.72
C PRO A 356 14.04 -15.01 -1.08
N ILE A 357 13.19 -14.52 -0.12
CA ILE A 357 12.25 -13.40 -0.33
C ILE A 357 13.00 -12.06 -0.62
N GLY A 358 14.29 -11.99 -0.30
CA GLY A 358 15.13 -10.80 -0.50
C GLY A 358 15.39 -10.43 -1.94
N VAL A 359 15.82 -9.18 -2.15
CA VAL A 359 16.11 -8.53 -3.42
C VAL A 359 17.12 -9.34 -4.26
N THR A 360 17.06 -9.16 -5.59
CA THR A 360 17.93 -9.85 -6.53
C THR A 360 18.92 -8.85 -7.19
N GLY A 361 20.15 -9.29 -7.40
CA GLY A 361 21.20 -8.49 -8.02
C GLY A 361 22.24 -7.99 -7.03
N SER A 362 23.36 -7.49 -7.59
CA SER A 362 24.51 -7.01 -6.81
C SER A 362 24.22 -5.76 -6.01
N ASN A 363 24.78 -5.72 -4.78
CA ASN A 363 24.77 -4.60 -3.85
C ASN A 363 25.53 -3.47 -4.57
N PRO A 364 24.96 -2.24 -4.67
CA PRO A 364 25.68 -1.16 -5.36
C PRO A 364 27.03 -0.80 -4.73
N ASN A 365 27.15 -0.84 -3.37
CA ASN A 365 28.39 -0.60 -2.64
C ASN A 365 29.36 -1.74 -2.97
N LYS A 366 30.39 -1.45 -3.77
CA LYS A 366 31.36 -2.47 -4.22
C LYS A 366 32.48 -2.74 -3.18
N GLU A 367 32.40 -2.11 -2.00
CA GLU A 367 33.37 -2.34 -0.93
C GLU A 367 32.77 -3.34 0.06
N THR A 368 32.08 -4.37 -0.49
CA THR A 368 31.32 -5.40 0.25
C THR A 368 31.77 -6.83 -0.13
N PRO A 369 31.45 -7.88 0.71
CA PRO A 369 31.85 -9.25 0.34
C PRO A 369 31.44 -9.56 -1.09
N CYS A 370 32.44 -9.83 -1.93
CA CYS A 370 32.17 -10.12 -3.31
C CYS A 370 32.44 -11.56 -3.64
N LEU A 371 31.41 -12.24 -4.10
CA LEU A 371 31.50 -13.64 -4.46
C LEU A 371 31.56 -13.73 -5.98
N GLU A 372 32.55 -14.48 -6.51
CA GLU A 372 32.75 -14.71 -7.94
C GLU A 372 32.25 -16.12 -8.28
N LEU A 373 31.30 -16.24 -9.22
CA LEU A 373 30.71 -17.52 -9.65
C LEU A 373 30.91 -17.78 -11.13
N GLU A 374 30.64 -19.03 -11.55
CA GLU A 374 30.71 -19.45 -12.94
C GLU A 374 29.50 -20.30 -13.29
N PHE A 375 28.90 -20.00 -14.43
CA PHE A 375 27.72 -20.72 -14.93
C PHE A 375 28.05 -21.47 -16.21
N ASP A 376 27.47 -22.65 -16.39
CA ASP A 376 27.72 -23.43 -17.60
C ASP A 376 27.32 -22.69 -18.85
N TRP A 377 28.23 -22.70 -19.82
CA TRP A 377 28.06 -22.12 -21.15
C TRP A 377 27.77 -23.29 -22.08
N PHE A 378 26.59 -23.29 -22.67
CA PHE A 378 26.19 -24.36 -23.57
C PHE A 378 26.50 -23.98 -25.04
N SER A 379 25.91 -24.68 -26.02
CA SER A 379 26.15 -24.46 -27.46
C SER A 379 26.24 -22.98 -27.91
N SER A 380 25.32 -22.13 -27.40
CA SER A 380 25.23 -20.70 -27.75
C SER A 380 24.60 -19.89 -26.59
N VAL A 381 23.82 -18.84 -26.90
CA VAL A 381 23.08 -18.06 -25.91
C VAL A 381 21.75 -18.77 -25.68
N VAL A 382 21.56 -19.35 -24.50
CA VAL A 382 20.32 -20.09 -24.20
C VAL A 382 19.20 -19.10 -23.85
N LYS A 383 18.00 -19.32 -24.41
CA LYS A 383 16.84 -18.48 -24.15
C LYS A 383 15.64 -19.34 -23.77
N PHE A 384 14.87 -18.88 -22.75
CA PHE A 384 13.62 -19.54 -22.33
C PHE A 384 12.66 -19.50 -23.56
N PRO A 385 11.97 -20.62 -23.90
CA PRO A 385 11.10 -20.63 -25.09
C PRO A 385 10.02 -19.57 -25.17
N ASP A 386 9.57 -19.27 -26.42
CA ASP A 386 8.45 -18.35 -26.72
C ASP A 386 7.17 -19.02 -26.20
N MET A 387 6.10 -18.23 -25.92
CA MET A 387 4.82 -18.78 -25.47
C MET A 387 4.24 -19.89 -26.40
N SER A 388 4.46 -19.79 -27.75
CA SER A 388 4.02 -20.79 -28.76
C SER A 388 4.69 -22.20 -28.59
N VAL A 389 6.02 -22.25 -28.36
CA VAL A 389 6.83 -23.46 -28.11
C VAL A 389 6.31 -24.14 -26.82
N ILE A 390 5.98 -23.32 -25.80
CA ILE A 390 5.44 -23.74 -24.50
C ILE A 390 4.01 -24.29 -24.71
N GLU A 391 3.23 -23.62 -25.61
CA GLU A 391 1.86 -23.99 -26.02
C GLU A 391 1.84 -25.36 -26.70
N GLU A 392 2.80 -25.61 -27.61
CA GLU A 392 2.97 -26.88 -28.33
C GLU A 392 3.35 -27.98 -27.34
N HIS A 393 4.34 -27.71 -26.43
CA HIS A 393 4.77 -28.66 -25.39
C HIS A 393 3.66 -28.97 -24.40
N ALA A 394 2.79 -27.98 -24.11
CA ALA A 394 1.64 -28.16 -23.23
C ALA A 394 0.64 -29.12 -23.88
N ASN A 395 0.43 -28.99 -25.21
CA ASN A 395 -0.46 -29.87 -25.98
C ASN A 395 0.12 -31.29 -26.06
N TRP A 396 1.46 -31.38 -26.20
CA TRP A 396 2.27 -32.61 -26.24
C TRP A 396 2.21 -33.33 -24.89
N SER A 397 2.35 -32.57 -23.79
CA SER A 397 2.36 -33.05 -22.41
C SER A 397 1.01 -33.62 -22.03
N VAL A 398 -0.10 -32.92 -22.39
CA VAL A 398 -1.47 -33.36 -22.13
C VAL A 398 -1.72 -34.69 -22.89
N SER A 399 -1.13 -34.82 -24.11
CA SER A 399 -1.20 -36.02 -24.97
C SER A 399 -0.46 -37.20 -24.34
N ARG A 400 0.85 -37.02 -24.04
CA ARG A 400 1.70 -38.03 -23.39
C ARG A 400 1.16 -38.42 -22.02
N GLU A 401 0.56 -37.46 -21.28
CA GLU A 401 -0.08 -37.61 -19.98
C GLU A 401 -1.25 -38.61 -20.08
N ALA A 402 -2.05 -38.49 -21.16
CA ALA A 402 -3.21 -39.34 -21.43
C ALA A 402 -2.84 -40.78 -21.81
N GLY A 403 -1.75 -40.93 -22.57
CA GLY A 403 -1.26 -42.24 -23.01
C GLY A 403 -0.20 -42.84 -22.11
N PHE A 404 0.22 -42.08 -21.07
CA PHE A 404 1.22 -42.49 -20.08
C PHE A 404 0.64 -43.63 -19.27
N SER A 405 -0.50 -43.39 -18.57
CA SER A 405 -1.26 -44.37 -17.80
C SER A 405 -2.74 -44.03 -17.96
N TYR A 406 -3.56 -44.79 -18.71
CA TYR A 406 -3.53 -45.94 -19.63
C TYR A 406 -2.36 -46.98 -19.55
N SER A 407 -1.22 -46.78 -20.26
CA SER A 407 -0.13 -47.77 -20.42
C SER A 407 1.10 -47.72 -19.45
N HIS A 408 0.97 -47.23 -18.18
CA HIS A 408 2.11 -47.11 -17.25
C HIS A 408 2.54 -48.39 -16.49
N ALA A 409 1.65 -48.94 -15.61
CA ALA A 409 1.87 -50.10 -14.69
C ALA A 409 2.17 -49.61 -13.28
N GLY A 410 2.83 -48.45 -13.17
CA GLY A 410 3.13 -47.76 -11.92
C GLY A 410 2.01 -46.82 -11.52
N LEU A 411 1.99 -46.39 -10.27
CA LEU A 411 0.94 -45.49 -9.76
C LEU A 411 1.33 -44.00 -9.81
N SER A 412 0.33 -43.13 -10.03
CA SER A 412 0.52 -41.67 -10.09
C SER A 412 -0.69 -40.92 -9.54
N ASN A 413 -0.49 -40.17 -8.42
CA ASN A 413 -1.56 -39.38 -7.82
C ASN A 413 -1.70 -37.99 -8.45
N ARG A 414 -0.91 -37.72 -9.50
CA ARG A 414 -0.88 -36.44 -10.23
C ARG A 414 -1.45 -36.52 -11.68
N LEU A 415 -1.91 -37.70 -12.12
CA LEU A 415 -2.46 -37.82 -13.47
C LEU A 415 -3.95 -37.47 -13.49
N ALA A 416 -4.34 -36.59 -14.43
CA ALA A 416 -5.72 -36.13 -14.61
C ALA A 416 -6.63 -37.25 -15.12
N ARG A 417 -7.77 -37.48 -14.44
CA ARG A 417 -8.74 -38.52 -14.82
C ARG A 417 -10.14 -37.95 -15.04
N ASP A 418 -10.74 -38.26 -16.21
CA ASP A 418 -12.07 -37.81 -16.62
C ASP A 418 -13.15 -38.79 -16.18
N ASN A 419 -14.35 -38.24 -15.83
CA ASN A 419 -15.55 -38.95 -15.35
C ASN A 419 -15.40 -39.47 -13.88
N GLU A 420 -14.15 -39.60 -13.37
CA GLU A 420 -13.81 -40.07 -12.02
C GLU A 420 -13.82 -38.95 -10.93
N LEU A 421 -14.68 -37.94 -11.11
CA LEU A 421 -14.85 -36.83 -10.15
C LEU A 421 -16.21 -36.94 -9.45
N ARG A 422 -16.22 -37.49 -8.23
CA ARG A 422 -17.42 -37.69 -7.42
C ARG A 422 -17.90 -36.40 -6.72
N GLU A 423 -19.21 -36.29 -6.48
CA GLU A 423 -19.86 -35.12 -5.88
C GLU A 423 -19.40 -34.83 -4.44
N ASN A 424 -18.94 -35.86 -3.69
CA ASN A 424 -18.46 -35.67 -2.32
C ASN A 424 -17.02 -35.10 -2.30
N ASP A 425 -16.24 -35.34 -3.39
CA ASP A 425 -14.88 -34.82 -3.53
C ASP A 425 -14.88 -33.46 -4.27
N LYS A 426 -15.94 -33.20 -5.09
CA LYS A 426 -16.17 -31.91 -5.77
C LYS A 426 -16.53 -30.86 -4.69
N GLU A 427 -17.20 -31.31 -3.61
CA GLU A 427 -17.61 -30.53 -2.44
C GLU A 427 -16.43 -30.44 -1.46
N GLN A 428 -15.42 -31.34 -1.60
CA GLN A 428 -14.21 -31.28 -0.74
C GLN A 428 -13.22 -30.25 -1.32
N LEU A 429 -13.21 -30.12 -2.67
CA LEU A 429 -12.43 -29.15 -3.44
C LEU A 429 -12.88 -27.74 -3.07
N LYS A 430 -14.20 -27.54 -2.91
CA LYS A 430 -14.79 -26.25 -2.52
C LYS A 430 -14.32 -25.84 -1.13
N ALA A 431 -14.27 -26.79 -0.18
CA ALA A 431 -13.80 -26.56 1.19
C ALA A 431 -12.35 -26.06 1.21
N ILE A 432 -11.54 -26.46 0.21
CA ILE A 432 -10.15 -26.03 0.07
C ILE A 432 -10.14 -24.53 -0.29
N SER A 433 -10.91 -24.12 -1.34
CA SER A 433 -11.00 -22.72 -1.80
C SER A 433 -11.48 -21.74 -0.73
N THR A 434 -12.29 -22.22 0.24
CA THR A 434 -12.78 -21.41 1.37
C THR A 434 -11.69 -21.18 2.43
N ARG A 435 -10.58 -21.94 2.38
CA ARG A 435 -9.47 -21.83 3.35
C ARG A 435 -8.68 -20.52 3.24
N ASP A 436 -8.27 -19.97 4.38
CA ASP A 436 -7.51 -18.74 4.45
C ASP A 436 -6.07 -18.89 3.87
N PRO A 437 -5.41 -17.80 3.41
CA PRO A 437 -4.08 -17.95 2.78
C PRO A 437 -2.99 -18.46 3.71
N LEU A 438 -3.21 -18.39 5.03
CA LEU A 438 -2.27 -18.86 6.03
C LEU A 438 -2.36 -20.38 6.24
N SER A 439 -3.55 -20.98 5.97
CA SER A 439 -3.81 -22.41 6.12
C SER A 439 -2.87 -23.28 5.27
N GLU A 440 -2.33 -24.36 5.88
CA GLU A 440 -1.43 -25.31 5.22
C GLU A 440 -2.20 -26.20 4.25
N ILE A 441 -1.61 -26.42 3.06
CA ILE A 441 -2.13 -27.27 2.00
C ILE A 441 -1.15 -28.45 1.94
N THR A 442 -1.61 -29.65 2.37
CA THR A 442 -0.81 -30.88 2.44
C THR A 442 -0.42 -31.41 1.03
N GLU A 443 0.70 -32.19 0.95
CA GLU A 443 1.21 -32.77 -0.31
C GLU A 443 0.12 -33.63 -1.00
N GLN A 444 -0.74 -34.31 -0.19
CA GLN A 444 -1.88 -35.11 -0.64
C GLN A 444 -2.93 -34.19 -1.29
N GLU A 445 -3.30 -33.09 -0.58
CA GLU A 445 -4.22 -32.06 -1.06
C GLU A 445 -3.70 -31.44 -2.36
N LYS A 446 -2.37 -31.30 -2.52
CA LYS A 446 -1.75 -30.75 -3.71
C LYS A 446 -1.91 -31.71 -4.90
N ASP A 447 -1.59 -33.00 -4.70
CA ASP A 447 -1.76 -34.02 -5.74
C ASP A 447 -3.25 -34.08 -6.12
N PHE A 448 -4.14 -34.02 -5.10
CA PHE A 448 -5.60 -33.99 -5.24
C PHE A 448 -6.04 -32.82 -6.12
N LEU A 449 -5.63 -31.60 -5.75
CA LEU A 449 -5.91 -30.36 -6.48
C LEU A 449 -5.37 -30.38 -7.92
N TRP A 450 -4.16 -30.93 -8.13
CA TRP A 450 -3.53 -30.95 -9.44
C TRP A 450 -4.21 -31.90 -10.42
N SER A 451 -4.66 -33.07 -9.93
CA SER A 451 -5.38 -34.04 -10.76
C SER A 451 -6.74 -33.45 -11.19
N HIS A 452 -7.23 -32.45 -10.42
CA HIS A 452 -8.49 -31.73 -10.68
C HIS A 452 -8.28 -30.33 -11.28
N ARG A 453 -7.07 -30.05 -11.81
CA ARG A 453 -6.71 -28.76 -12.45
C ARG A 453 -7.71 -28.25 -13.53
N HIS A 454 -8.38 -29.17 -14.23
CA HIS A 454 -9.36 -28.83 -15.25
C HIS A 454 -10.72 -28.52 -14.61
N TYR A 455 -11.03 -29.17 -13.47
CA TYR A 455 -12.27 -28.86 -12.77
C TYR A 455 -12.13 -27.50 -12.11
N CYS A 456 -11.00 -27.27 -11.42
CA CYS A 456 -10.63 -26.04 -10.72
C CYS A 456 -11.09 -24.76 -11.44
N VAL A 457 -10.99 -24.71 -12.79
CA VAL A 457 -11.40 -23.58 -13.65
C VAL A 457 -12.89 -23.16 -13.44
N THR A 458 -13.68 -24.03 -12.77
CA THR A 458 -15.10 -23.80 -12.44
C THR A 458 -15.27 -23.12 -11.08
N ILE A 459 -14.23 -23.19 -10.22
CA ILE A 459 -14.16 -22.52 -8.90
C ILE A 459 -12.95 -21.58 -9.11
N PRO A 460 -13.10 -20.44 -9.84
CA PRO A 460 -11.92 -19.62 -10.19
C PRO A 460 -11.08 -19.08 -9.04
N GLU A 461 -11.70 -18.82 -7.87
CA GLU A 461 -11.10 -18.34 -6.64
C GLU A 461 -10.22 -19.40 -5.90
N ILE A 462 -9.99 -20.58 -6.54
CA ILE A 462 -9.17 -21.66 -5.99
C ILE A 462 -7.72 -21.52 -6.49
N LEU A 463 -7.55 -20.88 -7.67
CA LEU A 463 -6.26 -20.65 -8.35
C LEU A 463 -5.03 -20.48 -7.41
N PRO A 464 -5.00 -19.58 -6.36
CA PRO A 464 -3.80 -19.50 -5.50
C PRO A 464 -3.35 -20.83 -4.91
N LYS A 465 -4.30 -21.71 -4.55
CA LYS A 465 -4.06 -23.05 -3.99
C LYS A 465 -3.54 -24.03 -5.11
N LEU A 466 -4.15 -24.00 -6.28
CA LEU A 466 -3.76 -24.83 -7.42
C LEU A 466 -2.37 -24.42 -7.93
N LEU A 467 -2.08 -23.11 -7.92
CA LEU A 467 -0.78 -22.57 -8.32
C LEU A 467 0.29 -23.06 -7.33
N LEU A 468 -0.04 -23.19 -6.04
CA LEU A 468 0.92 -23.71 -5.06
C LEU A 468 1.15 -25.22 -5.24
N SER A 469 0.10 -25.92 -5.71
CA SER A 469 0.05 -27.35 -5.95
C SER A 469 0.92 -27.81 -7.12
N VAL A 470 1.31 -26.91 -8.02
CA VAL A 470 2.21 -27.20 -9.16
C VAL A 470 3.60 -27.64 -8.68
N LYS A 471 4.20 -28.58 -9.43
CA LYS A 471 5.58 -29.02 -9.23
C LYS A 471 6.33 -28.05 -10.15
N TRP A 472 6.60 -26.82 -9.64
CA TRP A 472 7.23 -25.72 -10.35
C TRP A 472 8.61 -26.07 -10.91
N ASN A 473 9.14 -27.24 -10.51
CA ASN A 473 10.43 -27.73 -11.01
C ASN A 473 10.22 -28.75 -12.15
N SER A 474 8.96 -28.87 -12.65
CA SER A 474 8.57 -29.78 -13.72
C SER A 474 7.95 -28.98 -14.86
N ARG A 475 8.76 -28.67 -15.89
CA ARG A 475 8.36 -27.92 -17.08
C ARG A 475 7.06 -28.46 -17.71
N ASP A 476 6.83 -29.79 -17.56
CA ASP A 476 5.66 -30.52 -18.05
C ASP A 476 4.37 -30.00 -17.45
N GLU A 477 4.36 -29.77 -16.11
CA GLU A 477 3.21 -29.24 -15.36
C GLU A 477 3.07 -27.72 -15.49
N VAL A 478 4.20 -27.03 -15.55
CA VAL A 478 4.28 -25.56 -15.63
C VAL A 478 3.76 -25.09 -17.00
N ALA A 479 4.12 -25.78 -18.12
CA ALA A 479 3.62 -25.48 -19.47
C ALA A 479 2.09 -25.63 -19.52
N GLN A 480 1.56 -26.68 -18.84
CA GLN A 480 0.14 -26.99 -18.71
C GLN A 480 -0.61 -25.95 -17.87
N MET A 481 0.04 -25.48 -16.78
CA MET A 481 -0.49 -24.47 -15.86
C MET A 481 -0.63 -23.12 -16.56
N TYR A 482 0.33 -22.79 -17.44
CA TYR A 482 0.39 -21.57 -18.22
C TYR A 482 -0.87 -21.39 -19.11
N CYS A 483 -1.29 -22.49 -19.75
CA CYS A 483 -2.45 -22.53 -20.63
C CYS A 483 -3.75 -22.39 -19.85
N LEU A 484 -3.81 -22.95 -18.60
CA LEU A 484 -4.95 -22.83 -17.65
C LEU A 484 -5.15 -21.34 -17.24
N VAL A 485 -4.05 -20.66 -16.88
CA VAL A 485 -4.03 -19.25 -16.47
C VAL A 485 -4.41 -18.39 -17.67
N LYS A 486 -3.86 -18.71 -18.87
CA LYS A 486 -4.07 -18.00 -20.14
C LYS A 486 -5.58 -17.85 -20.46
N ASP A 487 -6.39 -18.80 -19.94
CA ASP A 487 -7.84 -18.82 -20.11
C ASP A 487 -8.49 -19.08 -18.75
N TRP A 488 -8.04 -18.35 -17.72
CA TRP A 488 -8.61 -18.51 -16.38
C TRP A 488 -9.67 -17.44 -16.15
N PRO A 489 -10.82 -17.78 -15.55
CA PRO A 489 -11.84 -16.75 -15.32
C PRO A 489 -11.33 -15.65 -14.38
N PRO A 490 -11.53 -14.35 -14.71
CA PRO A 490 -11.07 -13.27 -13.83
C PRO A 490 -11.55 -13.41 -12.39
N ILE A 491 -10.73 -12.94 -11.45
CA ILE A 491 -11.05 -12.95 -10.02
C ILE A 491 -11.07 -11.53 -9.49
N LYS A 492 -11.75 -11.30 -8.36
CA LYS A 492 -11.87 -10.01 -7.70
C LYS A 492 -10.50 -9.39 -7.42
N PRO A 493 -10.32 -8.05 -7.51
CA PRO A 493 -9.02 -7.46 -7.21
C PRO A 493 -8.47 -7.80 -5.81
N GLU A 494 -9.36 -8.01 -4.82
CA GLU A 494 -8.98 -8.36 -3.45
C GLU A 494 -8.37 -9.76 -3.39
N GLN A 495 -8.69 -10.57 -4.39
CA GLN A 495 -8.19 -11.93 -4.52
C GLN A 495 -6.95 -11.91 -5.43
N ALA A 496 -6.95 -11.03 -6.45
CA ALA A 496 -5.85 -10.88 -7.41
C ALA A 496 -4.54 -10.51 -6.72
N MET A 497 -4.63 -9.56 -5.78
CA MET A 497 -3.57 -9.02 -4.93
C MET A 497 -2.77 -10.10 -4.23
N GLU A 498 -3.44 -11.18 -3.77
CA GLU A 498 -2.78 -12.32 -3.15
C GLU A 498 -1.72 -12.91 -4.09
N LEU A 499 -2.01 -12.98 -5.40
CA LEU A 499 -1.08 -13.54 -6.39
C LEU A 499 0.08 -12.58 -6.72
N LEU A 500 0.22 -11.53 -5.91
CA LEU A 500 1.27 -10.54 -6.08
C LEU A 500 2.19 -10.48 -4.85
N ASP A 501 1.94 -11.30 -3.81
CA ASP A 501 2.89 -11.40 -2.68
C ASP A 501 4.17 -12.21 -3.11
N CYS A 502 5.04 -12.54 -2.15
CA CYS A 502 6.32 -13.24 -2.35
C CYS A 502 6.19 -14.72 -2.70
N ASN A 503 4.97 -15.29 -2.66
CA ASN A 503 4.74 -16.71 -2.96
C ASN A 503 4.47 -16.97 -4.44
N TYR A 504 4.10 -15.93 -5.21
CA TYR A 504 3.77 -16.11 -6.61
C TYR A 504 4.72 -15.37 -7.51
N PRO A 505 5.95 -15.91 -7.78
CA PRO A 505 6.92 -15.18 -8.62
C PRO A 505 6.79 -15.29 -10.14
N ASP A 506 6.00 -16.24 -10.61
CA ASP A 506 5.85 -16.52 -12.03
C ASP A 506 5.26 -15.33 -12.79
N PRO A 507 5.90 -14.90 -13.91
CA PRO A 507 5.37 -13.74 -14.66
C PRO A 507 3.94 -13.87 -15.20
N MET A 508 3.52 -15.11 -15.52
CA MET A 508 2.19 -15.45 -16.03
C MET A 508 1.13 -15.29 -14.93
N VAL A 509 1.39 -15.82 -13.72
CA VAL A 509 0.54 -15.71 -12.52
C VAL A 509 0.35 -14.20 -12.14
N ARG A 510 1.45 -13.43 -12.12
CA ARG A 510 1.49 -12.01 -11.76
C ARG A 510 0.89 -11.16 -12.85
N GLY A 511 1.01 -11.62 -14.09
CA GLY A 511 0.43 -10.98 -15.28
C GLY A 511 -1.09 -11.06 -15.25
N PHE A 512 -1.60 -12.26 -14.90
CA PHE A 512 -3.02 -12.52 -14.76
C PHE A 512 -3.57 -11.64 -13.61
N ALA A 513 -2.84 -11.57 -12.47
CA ALA A 513 -3.24 -10.75 -11.31
C ALA A 513 -3.36 -9.27 -11.74
N VAL A 514 -2.37 -8.78 -12.53
CA VAL A 514 -2.31 -7.41 -13.05
C VAL A 514 -3.51 -7.19 -13.92
N ARG A 515 -3.81 -8.15 -14.84
CA ARG A 515 -4.96 -8.15 -15.74
C ARG A 515 -6.28 -8.06 -14.97
N CYS A 516 -6.42 -8.76 -13.84
CA CYS A 516 -7.64 -8.66 -13.00
C CYS A 516 -7.81 -7.27 -12.39
N LEU A 517 -6.69 -6.61 -12.01
CA LEU A 517 -6.69 -5.27 -11.43
C LEU A 517 -7.02 -4.24 -12.49
N GLU A 518 -6.37 -4.32 -13.68
CA GLU A 518 -6.56 -3.45 -14.86
C GLU A 518 -8.03 -3.28 -15.21
N LYS A 519 -8.77 -4.39 -15.20
CA LYS A 519 -10.17 -4.46 -15.58
C LYS A 519 -11.15 -4.25 -14.45
N TYR A 520 -10.83 -4.63 -13.20
CA TYR A 520 -11.83 -4.55 -12.12
C TYR A 520 -11.50 -3.60 -10.95
N LEU A 521 -10.34 -2.97 -10.91
CA LEU A 521 -9.98 -2.14 -9.77
C LEU A 521 -10.32 -0.66 -9.96
N THR A 522 -11.21 -0.14 -9.08
CA THR A 522 -11.60 1.28 -9.11
C THR A 522 -10.42 2.13 -8.64
N ASP A 523 -10.45 3.44 -8.91
CA ASP A 523 -9.40 4.36 -8.48
C ASP A 523 -9.48 4.53 -6.96
N ASP A 524 -10.70 4.49 -6.39
CA ASP A 524 -10.92 4.55 -4.95
C ASP A 524 -10.13 3.42 -4.32
N LYS A 525 -10.35 2.17 -4.80
CA LYS A 525 -9.71 0.99 -4.26
C LYS A 525 -8.20 0.95 -4.58
N LEU A 526 -7.78 1.32 -5.78
CA LEU A 526 -6.35 1.40 -6.09
C LEU A 526 -5.65 2.32 -5.09
N SER A 527 -6.27 3.47 -4.74
CA SER A 527 -5.74 4.40 -3.74
C SER A 527 -5.69 3.80 -2.34
N GLN A 528 -6.68 2.96 -1.97
CA GLN A 528 -6.81 2.32 -0.68
C GLN A 528 -5.74 1.29 -0.40
N TYR A 529 -5.32 0.53 -1.44
CA TYR A 529 -4.33 -0.55 -1.37
C TYR A 529 -3.01 -0.14 -2.01
N LEU A 530 -2.80 1.18 -2.23
CA LEU A 530 -1.60 1.65 -2.89
C LEU A 530 -0.28 1.33 -2.15
N ILE A 531 -0.26 1.30 -0.80
CA ILE A 531 1.00 1.03 -0.14
C ILE A 531 1.44 -0.44 -0.30
N GLN A 532 0.50 -1.38 -0.46
CA GLN A 532 0.88 -2.77 -0.69
C GLN A 532 1.33 -3.00 -2.10
N LEU A 533 0.72 -2.27 -3.07
CA LEU A 533 1.03 -2.38 -4.52
C LEU A 533 2.38 -1.77 -4.85
N VAL A 534 2.80 -0.76 -4.09
CA VAL A 534 4.12 -0.17 -4.26
C VAL A 534 5.13 -1.15 -3.62
N GLN A 535 4.77 -1.78 -2.48
CA GLN A 535 5.61 -2.73 -1.72
C GLN A 535 5.93 -4.00 -2.48
N VAL A 536 4.93 -4.60 -3.17
CA VAL A 536 5.11 -5.85 -3.92
C VAL A 536 5.92 -5.65 -5.19
N LEU A 537 6.23 -4.39 -5.53
CA LEU A 537 7.09 -4.08 -6.66
C LEU A 537 8.43 -4.68 -6.39
N LYS A 538 8.79 -4.82 -5.10
CA LYS A 538 10.06 -5.40 -4.62
C LYS A 538 10.17 -6.90 -4.95
N TYR A 539 9.02 -7.61 -5.04
CA TYR A 539 8.97 -9.04 -5.40
C TYR A 539 9.13 -9.24 -6.90
N GLU A 540 9.20 -8.15 -7.67
CA GLU A 540 9.36 -8.27 -9.11
C GLU A 540 10.78 -8.59 -9.46
N GLN A 541 10.98 -9.54 -10.39
CA GLN A 541 12.32 -9.93 -10.80
C GLN A 541 13.05 -8.87 -11.59
N TYR A 542 12.29 -8.09 -12.37
CA TYR A 542 12.84 -7.11 -13.30
C TYR A 542 12.23 -5.75 -13.14
N LEU A 543 12.93 -4.73 -13.69
CA LEU A 543 12.46 -3.35 -13.67
C LEU A 543 11.17 -3.24 -14.47
N ASP A 544 11.15 -3.82 -15.69
CA ASP A 544 10.01 -3.79 -16.60
C ASP A 544 9.12 -4.97 -16.38
N ASN A 545 7.88 -4.70 -15.99
CA ASN A 545 6.85 -5.70 -15.70
C ASN A 545 5.45 -5.11 -15.93
N LEU A 546 4.43 -5.99 -15.95
CA LEU A 546 3.04 -5.61 -16.12
C LEU A 546 2.55 -4.73 -14.95
N LEU A 547 2.91 -5.05 -13.68
CA LEU A 547 2.53 -4.24 -12.50
C LEU A 547 3.06 -2.79 -12.53
N VAL A 548 4.36 -2.60 -12.77
CA VAL A 548 4.93 -1.26 -12.82
C VAL A 548 4.26 -0.42 -13.92
N ARG A 549 4.02 -1.04 -15.07
CA ARG A 549 3.35 -0.44 -16.19
C ARG A 549 1.92 -0.05 -15.80
N PHE A 550 1.20 -0.93 -15.08
CA PHE A 550 -0.16 -0.64 -14.63
C PHE A 550 -0.17 0.53 -13.62
N LEU A 551 0.60 0.40 -12.51
CA LEU A 551 0.73 1.41 -11.47
C LEU A 551 1.13 2.75 -12.01
N LEU A 552 2.10 2.81 -12.93
CA LEU A 552 2.52 4.08 -13.54
C LEU A 552 1.43 4.71 -14.43
N LYS A 553 0.66 3.91 -15.24
CA LYS A 553 -0.42 4.43 -16.12
C LYS A 553 -1.47 5.13 -15.29
N LYS A 554 -1.86 4.51 -14.18
CA LYS A 554 -2.84 5.09 -13.27
C LYS A 554 -2.32 6.34 -12.59
N ALA A 555 -1.03 6.34 -12.16
CA ALA A 555 -0.35 7.47 -11.50
C ALA A 555 -0.34 8.70 -12.40
N LEU A 556 -0.08 8.48 -13.70
CA LEU A 556 -0.01 9.53 -14.69
C LEU A 556 -1.38 9.90 -15.30
N THR A 557 -2.50 9.29 -14.83
CA THR A 557 -3.86 9.62 -15.31
C THR A 557 -4.81 9.99 -14.16
N ASN A 558 -4.27 10.09 -12.95
CA ASN A 558 -5.00 10.49 -11.75
C ASN A 558 -3.96 11.08 -10.86
N GLN A 559 -4.02 12.40 -10.66
CA GLN A 559 -3.02 13.13 -9.88
C GLN A 559 -3.06 12.78 -8.39
N ARG A 560 -4.25 12.43 -7.86
CA ARG A 560 -4.39 12.05 -6.45
C ARG A 560 -3.63 10.72 -6.22
N ILE A 561 -3.64 9.78 -7.21
CA ILE A 561 -2.88 8.52 -7.16
C ILE A 561 -1.36 8.84 -7.30
N GLY A 562 -1.03 9.67 -8.30
CA GLY A 562 0.34 10.10 -8.59
C GLY A 562 1.06 10.74 -7.43
N HIS A 563 0.32 11.50 -6.60
CA HIS A 563 0.86 12.17 -5.42
C HIS A 563 1.43 11.13 -4.47
N PHE A 564 0.58 10.18 -4.07
CA PHE A 564 0.89 9.10 -3.15
C PHE A 564 1.85 8.07 -3.78
N PHE A 565 1.77 7.84 -5.11
CA PHE A 565 2.71 6.98 -5.82
C PHE A 565 4.08 7.65 -5.67
N PHE A 566 4.19 8.99 -5.90
CA PHE A 566 5.47 9.68 -5.71
C PHE A 566 5.96 9.54 -4.26
N TRP A 567 5.12 9.85 -3.29
CA TRP A 567 5.55 9.84 -1.91
C TRP A 567 5.90 8.47 -1.38
N HIS A 568 5.09 7.41 -1.65
CA HIS A 568 5.44 6.07 -1.21
C HIS A 568 6.79 5.57 -1.81
N LEU A 569 7.11 5.97 -3.07
CA LEU A 569 8.37 5.63 -3.74
C LEU A 569 9.56 6.41 -3.19
N LYS A 570 9.43 7.75 -3.15
CA LYS A 570 10.42 8.71 -2.64
C LYS A 570 10.86 8.44 -1.19
N SER A 571 9.91 8.04 -0.34
CA SER A 571 10.11 7.72 1.08
C SER A 571 11.05 6.50 1.32
N GLU A 572 11.40 5.75 0.25
CA GLU A 572 12.25 4.55 0.35
C GLU A 572 13.54 4.69 -0.44
N MET A 573 13.87 5.92 -0.87
CA MET A 573 15.08 6.22 -1.63
C MET A 573 16.34 6.05 -0.78
N HIS A 574 16.18 6.11 0.55
CA HIS A 574 17.26 5.90 1.51
C HIS A 574 17.73 4.42 1.52
N ASN A 575 16.80 3.49 1.19
CA ASN A 575 16.94 2.04 1.13
C ASN A 575 17.55 1.61 -0.23
N LYS A 576 18.86 1.32 -0.22
CA LYS A 576 19.74 0.96 -1.36
C LYS A 576 19.26 -0.29 -2.17
N THR A 577 18.51 -1.14 -1.51
CA THR A 577 17.88 -2.33 -2.00
C THR A 577 16.80 -1.97 -3.07
N VAL A 578 16.15 -0.76 -2.94
CA VAL A 578 15.11 -0.27 -3.84
C VAL A 578 15.48 1.05 -4.55
N SER A 579 16.54 1.75 -4.10
CA SER A 579 16.96 3.03 -4.67
C SER A 579 16.95 3.14 -6.21
N GLN A 580 17.55 2.15 -6.92
CA GLN A 580 17.64 2.15 -8.40
C GLN A 580 16.28 1.91 -9.07
N ARG A 581 15.53 0.89 -8.62
CA ARG A 581 14.22 0.56 -9.19
C ARG A 581 13.22 1.70 -8.96
N PHE A 582 13.19 2.24 -7.72
CA PHE A 582 12.30 3.32 -7.31
C PHE A 582 12.73 4.65 -7.92
N GLY A 583 14.03 4.85 -8.10
CA GLY A 583 14.60 6.05 -8.69
C GLY A 583 14.26 6.14 -10.16
N LEU A 584 14.34 4.99 -10.87
CA LEU A 584 14.03 4.92 -12.31
C LEU A 584 12.53 5.13 -12.55
N LEU A 585 11.71 4.58 -11.63
CA LEU A 585 10.25 4.66 -11.62
C LEU A 585 9.88 6.11 -11.38
N LEU A 586 10.60 6.76 -10.44
CA LEU A 586 10.41 8.17 -10.12
C LEU A 586 10.83 9.06 -11.26
N GLU A 587 11.88 8.67 -12.01
CA GLU A 587 12.33 9.48 -13.15
C GLU A 587 11.29 9.46 -14.22
N SER A 588 10.79 8.26 -14.58
CA SER A 588 9.75 8.11 -15.58
C SER A 588 8.46 8.83 -15.15
N TYR A 589 8.14 8.86 -13.82
CA TYR A 589 6.96 9.58 -13.30
C TYR A 589 7.11 11.09 -13.50
N CYS A 590 8.22 11.66 -13.01
CA CYS A 590 8.50 13.10 -13.02
C CYS A 590 8.62 13.70 -14.41
N ARG A 591 9.09 12.90 -15.35
CA ARG A 591 9.25 13.20 -16.76
C ARG A 591 7.89 13.40 -17.47
N ALA A 592 6.78 12.85 -16.95
CA ALA A 592 5.48 12.93 -17.61
C ALA A 592 4.32 13.41 -16.75
N CYS A 593 4.51 13.59 -15.42
CA CYS A 593 3.44 14.03 -14.51
C CYS A 593 2.86 15.40 -14.91
N GLY A 594 3.72 16.31 -15.37
CA GLY A 594 3.31 17.63 -15.81
C GLY A 594 3.68 18.70 -14.82
N MET A 595 2.86 19.77 -14.72
CA MET A 595 3.16 20.88 -13.81
C MET A 595 3.18 20.47 -12.32
N TYR A 596 2.64 19.28 -11.99
CA TYR A 596 2.63 18.76 -10.63
C TYR A 596 4.04 18.54 -10.07
N LEU A 597 5.05 18.35 -10.94
CA LEU A 597 6.44 18.25 -10.48
C LEU A 597 6.82 19.51 -9.69
N LYS A 598 6.48 20.72 -10.22
CA LYS A 598 6.75 21.99 -9.52
C LYS A 598 6.12 21.99 -8.10
N HIS A 599 4.91 21.39 -7.94
CA HIS A 599 4.26 21.25 -6.64
C HIS A 599 5.01 20.27 -5.72
N LEU A 600 5.40 19.10 -6.26
CA LEU A 600 6.15 18.07 -5.56
C LEU A 600 7.48 18.64 -5.08
N ASN A 601 8.24 19.35 -5.95
CA ASN A 601 9.51 19.98 -5.55
C ASN A 601 9.35 21.00 -4.41
N ARG A 602 8.25 21.79 -4.38
CA ARG A 602 7.92 22.74 -3.32
C ARG A 602 7.70 21.98 -1.98
N GLN A 603 7.14 20.74 -2.06
CA GLN A 603 6.84 19.86 -0.93
C GLN A 603 8.16 19.27 -0.43
N VAL A 604 9.02 18.85 -1.37
CA VAL A 604 10.31 18.27 -1.05
C VAL A 604 11.17 19.30 -0.30
N GLU A 605 11.23 20.55 -0.83
CA GLU A 605 11.96 21.64 -0.21
C GLU A 605 11.45 21.95 1.21
N ALA A 606 10.14 21.74 1.47
CA ALA A 606 9.56 21.99 2.79
C ALA A 606 10.02 20.95 3.80
N MET A 607 9.89 19.67 3.45
CA MET A 607 10.28 18.54 4.31
C MET A 607 11.78 18.57 4.61
N GLU A 608 12.62 18.91 3.60
CA GLU A 608 14.07 19.06 3.75
C GLU A 608 14.41 20.17 4.79
N LYS A 609 13.66 21.27 4.81
CA LYS A 609 13.88 22.34 5.80
C LYS A 609 13.48 21.89 7.18
N LEU A 610 12.32 21.24 7.33
CA LEU A 610 11.88 20.75 8.64
C LEU A 610 12.81 19.67 9.21
N ILE A 611 13.40 18.81 8.34
CA ILE A 611 14.38 17.80 8.77
C ILE A 611 15.61 18.54 9.33
N ASN A 612 16.13 19.51 8.56
CA ASN A 612 17.27 20.35 8.97
C ASN A 612 17.01 21.08 10.28
N LEU A 613 15.80 21.63 10.43
CA LEU A 613 15.29 22.34 11.60
C LEU A 613 15.24 21.42 12.80
N THR A 614 14.52 20.28 12.70
CA THR A 614 14.39 19.33 13.81
C THR A 614 15.73 18.60 14.12
N ASP A 615 16.72 18.61 13.17
CA ASP A 615 18.04 18.02 13.36
C ASP A 615 18.75 18.87 14.40
N ILE A 616 18.76 20.21 14.20
CA ILE A 616 19.37 21.19 15.09
C ILE A 616 18.73 21.17 16.48
N LEU A 617 17.39 21.22 16.57
CA LEU A 617 16.72 21.17 17.88
C LEU A 617 17.14 19.92 18.70
N LYS A 618 16.86 18.68 18.24
CA LYS A 618 17.24 17.48 19.01
C LYS A 618 18.79 17.22 19.14
N GLN A 619 19.63 17.84 18.28
CA GLN A 619 21.10 17.75 18.40
C GLN A 619 21.52 18.86 19.37
N GLU A 620 21.84 20.08 18.85
CA GLU A 620 22.26 21.23 19.64
C GLU A 620 21.28 21.67 20.75
N LYS A 621 20.28 22.49 20.40
CA LYS A 621 19.29 23.09 21.29
C LYS A 621 18.26 22.09 21.91
N LYS A 622 18.67 20.86 22.29
CA LYS A 622 17.75 19.83 22.85
C LYS A 622 17.23 20.16 24.27
N ASP A 623 18.16 20.51 25.19
CA ASP A 623 17.89 20.82 26.60
C ASP A 623 17.60 22.33 26.82
N GLU A 624 17.53 23.12 25.71
CA GLU A 624 17.19 24.54 25.72
C GLU A 624 15.67 24.67 25.91
N THR A 625 15.20 25.79 26.48
CA THR A 625 13.77 26.01 26.72
C THR A 625 12.96 26.20 25.44
N GLN A 626 11.66 25.84 25.48
CA GLN A 626 10.74 26.02 24.36
C GLN A 626 10.72 27.48 23.87
N LYS A 627 11.10 28.45 24.71
CA LYS A 627 11.13 29.87 24.35
C LYS A 627 12.35 30.17 23.48
N VAL A 628 13.49 29.59 23.83
CA VAL A 628 14.76 29.75 23.12
C VAL A 628 14.68 28.95 21.83
N GLN A 629 14.19 27.69 21.93
CA GLN A 629 13.95 26.79 20.79
C GLN A 629 13.00 27.49 19.81
N MET A 630 11.89 28.09 20.33
CA MET A 630 10.95 28.83 19.49
C MET A 630 11.55 30.12 18.93
N LYS A 631 12.50 30.74 19.66
CA LYS A 631 13.20 31.95 19.22
C LYS A 631 14.06 31.60 18.03
N PHE A 632 14.68 30.41 18.04
CA PHE A 632 15.51 29.93 16.94
C PHE A 632 14.69 29.70 15.65
N LEU A 633 13.51 29.06 15.79
CA LEU A 633 12.56 28.81 14.70
C LEU A 633 12.13 30.16 14.11
N VAL A 634 11.74 31.10 14.97
CA VAL A 634 11.30 32.44 14.60
C VAL A 634 12.45 33.21 13.91
N GLU A 635 13.72 33.03 14.35
CA GLU A 635 14.88 33.68 13.73
C GLU A 635 15.18 33.07 12.37
N GLN A 636 14.94 31.74 12.24
CA GLN A 636 15.13 30.97 11.02
C GLN A 636 14.02 31.29 10.00
N MET A 637 12.85 31.72 10.49
CA MET A 637 11.73 32.09 9.65
C MET A 637 11.95 33.45 8.99
N ARG A 638 12.94 34.22 9.48
CA ARG A 638 13.32 35.53 8.94
C ARG A 638 14.13 35.31 7.67
N ARG A 639 14.82 34.16 7.58
CA ARG A 639 15.62 33.72 6.43
C ARG A 639 14.73 33.50 5.17
N PRO A 640 15.10 34.04 3.99
CA PRO A 640 14.26 33.90 2.78
C PRO A 640 14.01 32.48 2.28
N ASP A 641 15.09 31.65 2.23
CA ASP A 641 15.04 30.26 1.80
C ASP A 641 14.13 29.43 2.69
N PHE A 642 14.04 29.80 4.01
CA PHE A 642 13.18 29.14 5.00
C PHE A 642 11.74 29.63 4.93
N MET A 643 11.51 30.96 4.75
CA MET A 643 10.13 31.46 4.69
C MET A 643 9.47 31.18 3.33
N ASP A 644 10.26 30.81 2.31
CA ASP A 644 9.67 30.41 1.02
C ASP A 644 9.26 28.93 1.12
N ALA A 645 10.19 28.08 1.63
CA ALA A 645 10.02 26.65 1.80
C ALA A 645 8.88 26.21 2.73
N LEU A 646 8.80 26.79 3.94
CA LEU A 646 7.84 26.33 4.94
C LEU A 646 6.45 26.98 4.83
N GLN A 647 6.15 27.60 3.67
CA GLN A 647 4.87 28.23 3.39
C GLN A 647 4.58 28.10 1.91
N GLY A 648 3.29 28.15 1.56
CA GLY A 648 2.82 28.14 0.17
C GLY A 648 3.27 26.96 -0.64
N PHE A 649 2.68 25.83 -0.32
CA PHE A 649 2.89 24.52 -0.90
C PHE A 649 1.69 23.68 -0.46
N LEU A 650 1.49 22.51 -1.08
CA LEU A 650 0.38 21.58 -0.77
C LEU A 650 0.79 20.60 0.30
N SER A 651 -0.16 20.18 1.15
CA SER A 651 0.07 19.22 2.22
C SER A 651 0.34 17.82 1.65
N PRO A 652 1.51 17.21 1.96
CA PRO A 652 1.77 15.84 1.48
C PRO A 652 0.78 14.78 1.96
N LEU A 653 -0.01 15.08 2.99
CA LEU A 653 -1.01 14.18 3.55
C LEU A 653 -2.31 14.24 2.77
N ASN A 654 -2.52 15.35 2.05
CA ASN A 654 -3.74 15.60 1.29
C ASN A 654 -3.45 16.76 0.39
N PRO A 655 -2.97 16.52 -0.86
CA PRO A 655 -2.65 17.65 -1.75
C PRO A 655 -3.83 18.60 -2.06
N ALA A 656 -5.08 18.21 -1.70
CA ALA A 656 -6.27 19.06 -1.85
C ALA A 656 -6.19 20.24 -0.84
N HIS A 657 -5.25 20.16 0.14
CA HIS A 657 -5.04 21.16 1.19
C HIS A 657 -3.86 22.05 0.89
N GLN A 658 -4.14 23.34 0.77
CA GLN A 658 -3.12 24.35 0.55
C GLN A 658 -2.69 24.87 1.93
N LEU A 659 -1.38 24.93 2.13
CA LEU A 659 -0.73 25.38 3.36
C LEU A 659 -0.14 26.75 3.01
N GLY A 660 -0.82 27.81 3.44
CA GLY A 660 -0.42 29.18 3.14
C GLY A 660 0.69 29.70 4.02
N ASN A 661 0.36 30.71 4.83
CA ASN A 661 1.24 31.36 5.81
C ASN A 661 1.37 30.49 7.05
N LEU A 662 2.62 30.41 7.58
CA LEU A 662 2.95 29.68 8.80
C LEU A 662 2.61 30.58 9.98
N ARG A 663 1.60 30.18 10.76
CA ARG A 663 1.18 30.91 11.93
C ARG A 663 2.06 30.41 13.12
N LEU A 664 3.35 30.87 13.19
CA LEU A 664 4.35 30.51 14.24
C LEU A 664 3.81 30.64 15.65
N GLU A 665 3.00 31.66 15.88
CA GLU A 665 2.27 32.00 17.11
C GLU A 665 1.32 30.84 17.56
N GLU A 666 1.04 29.88 16.65
CA GLU A 666 0.19 28.72 16.92
C GLU A 666 1.01 27.41 16.83
N CYS A 667 2.31 27.53 16.51
CA CYS A 667 3.26 26.42 16.43
C CYS A 667 3.95 26.22 17.78
N ARG A 668 4.48 25.02 18.01
CA ARG A 668 5.26 24.70 19.21
C ARG A 668 6.17 23.52 18.99
N ILE A 669 7.29 23.47 19.75
CA ILE A 669 8.21 22.32 19.77
C ILE A 669 7.61 21.43 20.90
N MET A 670 7.27 20.19 20.57
CA MET A 670 6.63 19.34 21.55
C MET A 670 7.59 18.79 22.57
N SER A 671 7.02 18.33 23.71
CA SER A 671 7.69 17.78 24.90
C SER A 671 8.23 16.37 24.68
N SER A 672 7.80 15.69 23.60
CA SER A 672 8.26 14.35 23.22
C SER A 672 9.78 14.30 22.94
N ALA A 673 10.37 13.13 23.21
CA ALA A 673 11.80 12.82 23.12
C ALA A 673 12.47 13.19 21.79
N LYS A 674 11.77 12.94 20.66
CA LYS A 674 12.28 13.21 19.32
C LYS A 674 12.02 14.66 18.85
N ARG A 675 11.54 15.52 19.79
CA ARG A 675 11.24 16.94 19.57
C ARG A 675 10.40 17.16 18.29
N PRO A 676 9.16 16.62 18.24
CA PRO A 676 8.32 16.84 17.06
C PRO A 676 7.74 18.25 17.00
N LEU A 677 7.41 18.73 15.77
CA LEU A 677 6.85 20.07 15.59
C LEU A 677 5.34 20.06 15.42
N TRP A 678 4.61 20.88 16.20
CA TRP A 678 3.18 21.09 16.00
C TRP A 678 3.17 22.26 15.08
N LEU A 679 2.67 22.08 13.84
CA LEU A 679 2.71 23.12 12.80
C LEU A 679 1.34 23.58 12.41
N ASN A 680 1.20 24.91 12.28
CA ASN A 680 -0.09 25.56 11.98
C ASN A 680 0.04 26.50 10.78
N TRP A 681 -0.76 26.23 9.73
CA TRP A 681 -0.78 27.04 8.51
C TRP A 681 -2.15 27.57 8.32
N GLU A 682 -2.25 28.75 7.69
CA GLU A 682 -3.56 29.31 7.32
C GLU A 682 -4.04 28.50 6.13
N ASN A 683 -5.37 28.35 6.01
CA ASN A 683 -5.99 27.72 4.86
C ASN A 683 -6.24 28.90 3.89
N PRO A 684 -5.43 29.07 2.81
CA PRO A 684 -5.62 30.23 1.93
C PRO A 684 -6.82 30.15 1.00
N ASP A 685 -7.68 29.13 1.17
CA ASP A 685 -8.86 29.00 0.33
C ASP A 685 -9.84 30.11 0.63
N ILE A 686 -10.37 30.75 -0.43
CA ILE A 686 -11.39 31.82 -0.43
C ILE A 686 -12.48 31.56 0.63
N MET A 687 -12.82 30.27 0.89
CA MET A 687 -13.88 29.89 1.83
C MET A 687 -13.44 28.90 2.93
N SER A 688 -12.18 29.04 3.38
CA SER A 688 -11.53 28.28 4.44
C SER A 688 -12.43 28.08 5.66
N GLU A 689 -13.08 29.16 6.11
CA GLU A 689 -13.98 29.26 7.28
C GLU A 689 -15.08 28.16 7.35
N LEU A 690 -15.53 27.67 6.17
CA LEU A 690 -16.55 26.65 5.97
C LEU A 690 -16.01 25.24 6.05
N LEU A 691 -14.70 25.10 6.32
CA LEU A 691 -14.07 23.78 6.44
C LEU A 691 -13.17 23.77 7.66
N PHE A 692 -12.11 24.59 7.64
CA PHE A 692 -11.14 24.85 8.69
C PHE A 692 -10.29 26.03 8.27
N GLN A 693 -10.20 27.06 9.14
CA GLN A 693 -9.42 28.26 8.86
C GLN A 693 -7.92 27.96 8.95
N ASN A 694 -7.53 26.99 9.78
CA ASN A 694 -6.13 26.63 9.96
C ASN A 694 -5.92 25.13 9.80
N ASN A 695 -4.73 24.73 9.32
CA ASN A 695 -4.36 23.33 9.12
C ASN A 695 -3.22 22.97 10.06
N GLU A 696 -3.42 21.96 10.90
CA GLU A 696 -2.39 21.52 11.85
C GLU A 696 -1.85 20.15 11.52
N ILE A 697 -0.54 20.08 11.37
CA ILE A 697 0.21 18.89 11.04
C ILE A 697 1.32 18.70 12.11
N ILE A 698 1.54 17.44 12.57
CA ILE A 698 2.62 17.12 13.48
C ILE A 698 3.74 16.57 12.61
N PHE A 699 4.88 17.24 12.56
CA PHE A 699 6.02 16.73 11.82
C PHE A 699 6.89 16.00 12.85
N LYS A 700 7.20 14.71 12.61
CA LYS A 700 8.04 13.95 13.51
C LYS A 700 9.24 13.36 12.82
N ASN A 701 10.41 13.54 13.43
CA ASN A 701 11.68 13.06 12.93
C ASN A 701 12.31 12.20 14.03
N GLY A 702 12.43 10.89 13.76
CA GLY A 702 13.03 9.95 14.70
C GLY A 702 12.44 8.57 14.79
N ASP A 703 11.11 8.46 14.72
CA ASP A 703 10.38 7.17 14.79
C ASP A 703 9.90 6.72 13.43
N ASP A 704 9.68 5.38 13.29
CA ASP A 704 9.14 4.72 12.10
C ASP A 704 7.63 4.91 12.09
N LEU A 705 7.11 5.57 11.04
CA LEU A 705 5.66 5.82 10.92
C LEU A 705 4.94 4.78 10.09
N ARG A 706 5.69 3.80 9.58
CA ARG A 706 5.20 2.75 8.72
C ARG A 706 4.19 1.87 9.41
N GLN A 707 4.43 1.55 10.69
CA GLN A 707 3.53 0.72 11.49
C GLN A 707 2.21 1.44 11.80
N ASP A 708 2.25 2.77 11.90
CA ASP A 708 1.05 3.60 12.14
C ASP A 708 0.30 3.77 10.84
N MET A 709 1.06 3.94 9.73
CA MET A 709 0.56 4.04 8.35
C MET A 709 -0.34 2.84 8.07
N LEU A 710 0.17 1.61 8.32
CA LEU A 710 -0.54 0.38 8.07
C LEU A 710 -1.74 0.21 8.98
N THR A 711 -1.60 0.50 10.30
CA THR A 711 -2.69 0.35 11.28
C THR A 711 -3.86 1.27 10.92
N LEU A 712 -3.53 2.52 10.47
CA LEU A 712 -4.53 3.52 10.09
C LEU A 712 -5.25 3.13 8.79
N GLN A 713 -4.53 2.52 7.84
CA GLN A 713 -5.06 1.98 6.59
C GLN A 713 -6.03 0.82 6.90
N ILE A 714 -5.62 -0.10 7.80
CA ILE A 714 -6.42 -1.25 8.21
C ILE A 714 -7.71 -0.75 8.86
N ILE A 715 -7.61 0.29 9.74
CA ILE A 715 -8.77 0.93 10.34
C ILE A 715 -9.73 1.45 9.23
N ARG A 716 -9.22 2.28 8.25
CA ARG A 716 -10.06 2.79 7.14
C ARG A 716 -10.84 1.64 6.50
N ILE A 717 -10.15 0.49 6.26
CA ILE A 717 -10.72 -0.71 5.65
C ILE A 717 -11.80 -1.35 6.56
N MET A 718 -11.45 -1.62 7.84
CA MET A 718 -12.39 -2.22 8.79
C MET A 718 -13.64 -1.36 8.83
N GLU A 719 -13.45 -0.02 8.97
CA GLU A 719 -14.52 0.96 8.98
C GLU A 719 -15.39 0.83 7.73
N ASN A 720 -14.76 0.79 6.53
CA ASN A 720 -15.49 0.67 5.26
C ASN A 720 -16.20 -0.69 5.11
N ILE A 721 -15.74 -1.74 5.84
CA ILE A 721 -16.36 -3.07 5.81
C ILE A 721 -17.62 -3.04 6.67
N TRP A 722 -17.51 -2.46 7.88
CA TRP A 722 -18.62 -2.30 8.81
C TRP A 722 -19.70 -1.44 8.17
N GLN A 723 -19.32 -0.27 7.58
CA GLN A 723 -20.23 0.65 6.91
C GLN A 723 -21.00 -0.04 5.76
N ASN A 724 -20.28 -0.75 4.86
CA ASN A 724 -20.89 -1.50 3.75
C ASN A 724 -21.89 -2.55 4.24
N GLN A 725 -21.57 -3.24 5.36
CA GLN A 725 -22.42 -4.25 6.00
C GLN A 725 -23.55 -3.61 6.87
N GLY A 726 -23.80 -2.32 6.66
CA GLY A 726 -24.85 -1.57 7.34
C GLY A 726 -24.61 -1.11 8.77
N LEU A 727 -23.66 -1.74 9.51
CA LEU A 727 -23.39 -1.38 10.91
C LEU A 727 -22.39 -0.22 11.04
N ASP A 728 -22.91 0.96 11.45
CA ASP A 728 -22.23 2.25 11.62
C ASP A 728 -21.34 2.34 12.87
N LEU A 729 -20.05 2.04 12.72
CA LEU A 729 -19.10 2.14 13.83
C LEU A 729 -18.02 3.12 13.41
N ARG A 730 -18.21 4.40 13.76
CA ARG A 730 -17.33 5.53 13.39
C ARG A 730 -15.87 5.41 13.86
N MET A 731 -14.95 5.37 12.88
CA MET A 731 -13.52 5.28 13.14
C MET A 731 -12.87 6.58 12.71
N LEU A 732 -11.61 6.79 13.12
CA LEU A 732 -10.88 7.99 12.74
C LEU A 732 -9.47 7.65 12.22
N PRO A 733 -9.36 7.16 10.97
CA PRO A 733 -8.03 6.88 10.42
C PRO A 733 -7.43 8.18 9.91
N TYR A 734 -6.92 9.01 10.84
CA TYR A 734 -6.31 10.29 10.54
C TYR A 734 -5.09 10.05 9.61
N GLY A 735 -4.61 11.09 8.95
CA GLY A 735 -3.46 10.96 8.08
C GLY A 735 -2.17 10.73 8.84
N CYS A 736 -1.30 9.85 8.31
CA CYS A 736 0.05 9.56 8.79
C CYS A 736 0.88 9.11 7.61
N LEU A 737 1.93 9.88 7.23
CA LEU A 737 2.70 9.52 6.04
C LEU A 737 4.17 9.56 6.29
N SER A 738 4.85 8.44 6.06
CA SER A 738 6.29 8.32 6.18
C SER A 738 6.90 8.95 4.91
N ILE A 739 7.77 9.94 5.06
CA ILE A 739 8.41 10.65 3.94
C ILE A 739 9.87 10.24 3.74
N GLY A 740 10.36 9.39 4.63
CA GLY A 740 11.73 8.89 4.58
C GLY A 740 12.05 7.98 5.73
N ASP A 741 13.38 7.96 6.08
CA ASP A 741 14.01 7.19 7.14
C ASP A 741 13.62 7.74 8.51
N CYS A 742 12.52 7.21 9.04
CA CYS A 742 11.96 7.60 10.33
C CYS A 742 11.61 9.09 10.40
N VAL A 743 10.98 9.59 9.33
CA VAL A 743 10.50 10.96 9.17
C VAL A 743 9.10 10.91 8.60
N GLY A 744 8.21 11.75 9.11
CA GLY A 744 6.85 11.79 8.61
C GLY A 744 5.97 12.87 9.14
N LEU A 745 4.69 12.84 8.74
CA LEU A 745 3.68 13.82 9.09
C LEU A 745 2.44 13.12 9.65
N ILE A 746 1.71 13.82 10.53
CA ILE A 746 0.51 13.27 11.15
C ILE A 746 -0.57 14.35 11.13
N GLU A 747 -1.76 14.01 10.61
CA GLU A 747 -2.92 14.91 10.61
C GLU A 747 -3.34 15.09 12.08
N VAL A 748 -3.53 16.34 12.53
CA VAL A 748 -3.99 16.66 13.88
C VAL A 748 -5.52 16.66 13.82
N VAL A 749 -6.16 15.96 14.75
CA VAL A 749 -7.62 15.98 14.81
C VAL A 749 -8.03 17.18 15.67
N ARG A 750 -8.82 18.11 15.07
CA ARG A 750 -9.33 19.32 15.73
C ARG A 750 -10.37 18.95 16.79
N ASN A 751 -10.50 19.84 17.82
CA ASN A 751 -11.43 19.69 18.96
C ASN A 751 -11.24 18.38 19.77
N SER A 752 -10.00 17.87 19.82
CA SER A 752 -9.74 16.63 20.54
C SER A 752 -8.80 16.81 21.70
N HIS A 753 -9.03 16.02 22.73
CA HIS A 753 -8.26 15.98 23.97
C HIS A 753 -8.13 14.51 24.34
N THR A 754 -7.04 14.14 25.04
CA THR A 754 -6.84 12.75 25.49
C THR A 754 -7.78 12.44 26.68
N ILE A 755 -7.93 11.14 27.02
CA ILE A 755 -8.72 10.66 28.17
C ILE A 755 -8.13 11.25 29.46
N MET A 756 -6.77 11.31 29.54
CA MET A 756 -5.98 11.88 30.63
C MET A 756 -6.32 13.35 30.84
N GLN A 757 -6.29 14.18 29.76
CA GLN A 757 -6.60 15.62 29.80
C GLN A 757 -8.01 15.91 30.31
N ILE A 758 -9.00 15.06 29.96
CA ILE A 758 -10.39 15.18 30.44
C ILE A 758 -10.52 14.83 31.94
N GLN A 759 -9.66 13.90 32.43
CA GLN A 759 -9.59 13.46 33.84
C GLN A 759 -8.84 14.48 34.72
N CYS A 760 -7.64 14.93 34.23
CA CYS A 760 -6.71 15.87 34.85
C CYS A 760 -7.36 17.24 35.08
N LYS A 761 -7.42 18.10 34.04
CA LYS A 761 -8.05 19.42 34.15
C LYS A 761 -9.56 19.20 34.25
N GLY A 762 -10.03 19.14 35.50
CA GLY A 762 -11.42 18.91 35.87
C GLY A 762 -11.58 17.96 37.04
N PHE A 770 -6.15 10.53 40.74
CA PHE A 770 -7.16 9.48 40.71
C PHE A 770 -8.62 10.02 40.74
N ASN A 771 -9.30 9.97 39.58
CA ASN A 771 -10.71 10.37 39.38
C ASN A 771 -11.34 9.48 38.29
N SER A 772 -12.58 8.97 38.51
CA SER A 772 -13.24 8.04 37.59
C SER A 772 -14.67 8.42 37.07
N HIS A 773 -15.15 9.66 37.29
CA HIS A 773 -16.49 10.05 36.82
C HIS A 773 -16.54 11.38 36.00
N THR A 774 -15.35 11.94 35.64
CA THR A 774 -15.19 13.22 34.93
C THR A 774 -15.61 13.22 33.43
N LEU A 775 -15.30 12.14 32.68
CA LEU A 775 -15.56 11.97 31.23
C LEU A 775 -17.03 12.22 30.81
N HIS A 776 -18.01 11.51 31.44
CA HIS A 776 -19.44 11.65 31.16
C HIS A 776 -19.92 13.09 31.36
N GLN A 777 -19.53 13.72 32.48
CA GLN A 777 -19.89 15.10 32.82
C GLN A 777 -19.35 16.09 31.81
N TRP A 778 -18.13 15.84 31.31
CA TRP A 778 -17.47 16.66 30.30
C TRP A 778 -18.21 16.55 28.96
N LEU A 779 -18.60 15.33 28.58
CA LEU A 779 -19.33 15.06 27.34
C LEU A 779 -20.76 15.62 27.42
N LYS A 780 -21.38 15.62 28.65
CA LYS A 780 -22.70 16.19 28.95
C LYS A 780 -22.62 17.72 28.80
N ASP A 781 -21.51 18.34 29.30
CA ASP A 781 -21.22 19.77 29.24
C ASP A 781 -20.95 20.22 27.80
N LYS A 782 -20.14 19.44 27.04
CA LYS A 782 -19.82 19.75 25.65
C LYS A 782 -20.96 19.42 24.65
N ASN A 783 -22.03 18.71 25.11
CA ASN A 783 -23.17 18.34 24.26
C ASN A 783 -24.57 18.44 24.95
N LYS A 784 -24.79 19.48 25.78
CA LYS A 784 -26.05 19.71 26.52
C LYS A 784 -27.30 19.77 25.62
N GLY A 785 -28.41 19.22 26.12
CA GLY A 785 -29.70 19.17 25.43
C GLY A 785 -30.01 17.87 24.72
N GLU A 786 -30.71 17.95 23.56
CA GLU A 786 -31.06 16.81 22.68
C GLU A 786 -29.80 16.32 21.93
N ILE A 787 -28.77 17.20 21.88
CA ILE A 787 -27.43 17.02 21.32
C ILE A 787 -26.66 15.92 22.11
N TYR A 788 -27.04 15.68 23.40
CA TYR A 788 -26.45 14.67 24.29
C TYR A 788 -26.68 13.23 23.80
N ASP A 789 -27.93 12.92 23.37
CA ASP A 789 -28.34 11.59 22.92
C ASP A 789 -27.59 11.10 21.70
N ALA A 790 -27.19 12.05 20.83
CA ALA A 790 -26.39 11.82 19.63
C ALA A 790 -24.92 11.52 19.99
N ALA A 791 -24.38 12.28 20.98
CA ALA A 791 -23.00 12.16 21.46
C ALA A 791 -22.73 10.85 22.17
N ILE A 792 -23.66 10.40 23.05
CA ILE A 792 -23.56 9.14 23.78
C ILE A 792 -23.58 7.98 22.77
N ASP A 793 -24.42 8.13 21.72
CA ASP A 793 -24.54 7.17 20.63
C ASP A 793 -23.28 7.14 19.73
N LEU A 794 -22.61 8.31 19.55
CA LEU A 794 -21.36 8.42 18.74
C LEU A 794 -20.15 7.95 19.56
N PHE A 795 -20.25 7.94 20.91
CA PHE A 795 -19.15 7.48 21.77
C PHE A 795 -19.14 5.97 21.80
N THR A 796 -20.32 5.32 21.96
CA THR A 796 -20.50 3.86 22.01
C THR A 796 -20.10 3.21 20.70
N ARG A 797 -20.63 3.74 19.56
CA ARG A 797 -20.37 3.27 18.19
C ARG A 797 -18.88 3.35 17.84
N SER A 798 -18.19 4.43 18.29
CA SER A 798 -16.75 4.59 18.05
C SER A 798 -15.94 3.71 19.01
N CYS A 799 -16.39 3.64 20.28
CA CYS A 799 -15.78 2.85 21.36
C CYS A 799 -15.83 1.36 21.04
N ALA A 800 -16.88 0.94 20.30
CA ALA A 800 -17.07 -0.44 19.88
C ALA A 800 -16.12 -0.76 18.76
N GLY A 801 -16.01 0.18 17.80
CA GLY A 801 -15.11 0.06 16.66
C GLY A 801 -13.67 -0.18 17.06
N TYR A 802 -13.15 0.66 17.98
CA TYR A 802 -11.77 0.52 18.44
C TYR A 802 -11.55 -0.69 19.33
N CYS A 803 -12.61 -1.16 20.03
CA CYS A 803 -12.56 -2.35 20.89
C CYS A 803 -12.23 -3.60 20.04
N VAL A 804 -12.99 -3.80 18.93
CA VAL A 804 -12.80 -4.91 18.02
C VAL A 804 -11.41 -4.75 17.38
N ALA A 805 -11.22 -3.67 16.56
CA ALA A 805 -9.97 -3.31 15.87
C ALA A 805 -8.71 -3.63 16.65
N THR A 806 -8.53 -3.04 17.85
CA THR A 806 -7.35 -3.27 18.70
C THR A 806 -7.18 -4.74 19.10
N PHE A 807 -8.31 -5.43 19.45
CA PHE A 807 -8.28 -6.84 19.84
C PHE A 807 -7.71 -7.70 18.73
N ILE A 808 -8.31 -7.59 17.51
CA ILE A 808 -7.92 -8.31 16.29
C ILE A 808 -6.44 -8.09 15.91
N LEU A 809 -6.03 -6.83 15.82
CA LEU A 809 -4.68 -6.44 15.37
C LEU A 809 -3.60 -6.54 16.44
N GLY A 810 -4.00 -6.75 17.70
CA GLY A 810 -3.07 -6.83 18.82
C GLY A 810 -2.20 -5.60 18.96
N ILE A 811 -2.86 -4.42 19.00
CA ILE A 811 -2.27 -3.08 19.07
C ILE A 811 -1.68 -2.81 20.48
N GLY A 812 -0.58 -2.03 20.51
CA GLY A 812 0.16 -1.61 21.70
C GLY A 812 -0.70 -1.14 22.86
N ASP A 813 -0.17 -1.29 24.10
CA ASP A 813 -0.83 -0.94 25.36
C ASP A 813 -1.64 0.38 25.32
N ARG A 814 -2.98 0.27 25.46
CA ARG A 814 -3.94 1.39 25.40
C ARG A 814 -4.32 1.99 26.77
N HIS A 815 -3.80 3.20 27.05
CA HIS A 815 -4.02 3.94 28.29
C HIS A 815 -4.76 5.26 28.07
N ASN A 816 -4.90 6.06 29.15
CA ASN A 816 -5.57 7.37 29.18
C ASN A 816 -4.94 8.40 28.19
N SER A 817 -3.61 8.33 27.96
CA SER A 817 -2.93 9.24 27.03
C SER A 817 -2.86 8.71 25.58
N ASN A 818 -3.08 7.40 25.36
CA ASN A 818 -3.07 6.75 24.06
C ASN A 818 -4.43 6.82 23.38
N ILE A 819 -5.47 7.26 24.12
CA ILE A 819 -6.84 7.39 23.63
C ILE A 819 -7.16 8.88 23.59
N MET A 820 -8.11 9.32 22.71
CA MET A 820 -8.56 10.71 22.54
C MET A 820 -10.06 10.80 22.29
N VAL A 821 -10.70 11.91 22.71
CA VAL A 821 -12.15 12.11 22.50
C VAL A 821 -12.46 13.51 21.97
N LYS A 822 -13.23 13.55 20.87
CA LYS A 822 -13.71 14.76 20.20
C LYS A 822 -14.85 15.38 21.01
N ASP A 823 -15.18 16.66 20.74
CA ASP A 823 -16.24 17.42 21.39
C ASP A 823 -17.65 16.83 21.21
N ASP A 824 -17.85 15.98 20.17
CA ASP A 824 -19.14 15.35 19.85
C ASP A 824 -19.24 13.89 20.34
N GLY A 825 -18.26 13.46 21.14
CA GLY A 825 -18.22 12.12 21.67
C GLY A 825 -17.34 11.14 20.91
N GLN A 826 -17.03 11.44 19.63
CA GLN A 826 -16.18 10.60 18.78
C GLN A 826 -14.86 10.22 19.48
N LEU A 827 -14.74 8.92 19.83
CA LEU A 827 -13.58 8.35 20.49
C LEU A 827 -12.67 7.77 19.42
N PHE A 828 -11.36 8.01 19.59
CA PHE A 828 -10.33 7.51 18.70
C PHE A 828 -9.01 7.26 19.40
N HIS A 829 -8.28 6.29 18.90
CA HIS A 829 -6.99 5.92 19.42
C HIS A 829 -5.95 6.53 18.52
N ILE A 830 -4.75 6.77 19.08
CA ILE A 830 -3.58 7.38 18.42
C ILE A 830 -2.32 6.59 18.78
N ASP A 831 -1.16 6.99 18.23
CA ASP A 831 0.16 6.39 18.41
C ASP A 831 0.14 4.86 18.57
N PHE A 832 -0.08 4.15 17.45
CA PHE A 832 -0.13 2.69 17.45
C PHE A 832 1.30 2.21 17.35
N GLY A 833 1.92 2.08 18.51
CA GLY A 833 3.31 1.68 18.61
C GLY A 833 3.64 0.48 17.78
N HIS A 834 3.18 -0.69 18.23
CA HIS A 834 3.46 -1.96 17.60
C HIS A 834 2.21 -2.83 17.57
N PHE A 835 2.01 -3.58 16.46
CA PHE A 835 0.87 -4.49 16.27
C PHE A 835 1.27 -5.97 16.37
N LEU A 836 0.27 -6.84 16.67
CA LEU A 836 0.35 -8.31 16.79
C LEU A 836 1.23 -8.78 17.99
N ASP A 837 2.58 -8.66 17.87
CA ASP A 837 3.51 -9.05 18.94
C ASP A 837 3.90 -7.87 19.82
N ARG A 849 -5.22 -11.32 24.16
CA ARG A 849 -4.98 -10.03 24.81
C ARG A 849 -5.94 -8.97 24.28
N VAL A 850 -6.53 -8.19 25.19
CA VAL A 850 -7.45 -7.08 24.90
C VAL A 850 -6.74 -5.77 25.37
N PRO A 851 -6.13 -4.98 24.46
CA PRO A 851 -5.41 -3.76 24.89
C PRO A 851 -6.32 -2.63 25.36
N PHE A 852 -7.46 -2.42 24.66
CA PHE A 852 -8.44 -1.39 24.99
C PHE A 852 -9.43 -1.93 26.03
N VAL A 853 -9.00 -1.89 27.31
CA VAL A 853 -9.81 -2.34 28.45
C VAL A 853 -10.87 -1.28 28.77
N LEU A 854 -12.16 -1.68 28.69
CA LEU A 854 -13.31 -0.83 28.98
C LEU A 854 -13.38 -0.61 30.51
N THR A 855 -12.73 0.46 31.01
CA THR A 855 -12.76 0.79 32.44
C THR A 855 -14.14 1.36 32.82
N GLN A 856 -14.38 1.57 34.13
CA GLN A 856 -15.63 2.14 34.64
C GLN A 856 -15.92 3.52 34.01
N ASP A 857 -14.84 4.24 33.60
CA ASP A 857 -14.87 5.57 32.97
C ASP A 857 -15.69 5.55 31.68
N PHE A 858 -15.38 4.60 30.75
CA PHE A 858 -16.06 4.42 29.47
C PHE A 858 -17.43 3.79 29.64
N LEU A 859 -17.54 2.83 30.59
CA LEU A 859 -18.76 2.10 30.90
C LEU A 859 -19.89 3.03 31.34
N ILE A 860 -19.59 4.04 32.21
CA ILE A 860 -20.57 5.02 32.70
C ILE A 860 -21.11 5.85 31.52
N VAL A 861 -20.24 6.22 30.56
CA VAL A 861 -20.56 7.01 29.38
C VAL A 861 -21.52 6.24 28.42
N ILE A 862 -21.45 4.88 28.42
CA ILE A 862 -22.31 4.01 27.61
C ILE A 862 -23.81 4.21 27.96
N SER A 863 -24.13 4.53 29.23
CA SER A 863 -25.50 4.77 29.71
C SER A 863 -25.54 5.97 30.67
N THR A 870 -23.88 -1.64 33.81
CA THR A 870 -23.37 -2.91 33.28
C THR A 870 -24.51 -3.82 32.78
N LYS A 871 -25.63 -3.86 33.53
CA LYS A 871 -26.81 -4.66 33.18
C LYS A 871 -27.87 -3.76 32.51
N THR A 872 -27.41 -2.72 31.80
CA THR A 872 -28.23 -1.72 31.10
C THR A 872 -28.63 -2.19 29.69
N ARG A 873 -29.68 -1.55 29.12
CA ARG A 873 -30.20 -1.83 27.76
C ARG A 873 -29.19 -1.34 26.71
N GLU A 874 -28.49 -0.22 27.01
CA GLU A 874 -27.46 0.39 26.16
C GLU A 874 -26.24 -0.52 26.06
N PHE A 875 -25.82 -1.16 27.19
CA PHE A 875 -24.70 -2.11 27.22
C PHE A 875 -25.04 -3.44 26.51
N GLU A 876 -26.35 -3.79 26.46
CA GLU A 876 -26.84 -4.97 25.75
C GLU A 876 -26.78 -4.69 24.23
N ARG A 877 -26.95 -3.40 23.85
CA ARG A 877 -26.86 -2.90 22.47
C ARG A 877 -25.39 -2.83 22.05
N PHE A 878 -24.51 -2.35 22.97
CA PHE A 878 -23.05 -2.21 22.77
C PHE A 878 -22.36 -3.54 22.46
N GLN A 879 -22.66 -4.59 23.28
CA GLN A 879 -22.10 -5.94 23.11
C GLN A 879 -22.51 -6.47 21.73
N GLU A 880 -23.78 -6.22 21.32
CA GLU A 880 -24.34 -6.59 20.01
C GLU A 880 -23.65 -5.82 18.87
N MET A 881 -22.99 -4.68 19.20
CA MET A 881 -22.23 -3.88 18.25
C MET A 881 -20.83 -4.49 18.06
N CYS A 882 -20.14 -4.88 19.14
CA CYS A 882 -18.83 -5.53 19.06
C CYS A 882 -18.91 -6.88 18.35
N TYR A 883 -19.98 -7.66 18.63
CA TYR A 883 -20.24 -9.02 18.11
C TYR A 883 -20.42 -9.05 16.59
N LYS A 884 -21.33 -8.22 16.04
CA LYS A 884 -21.57 -8.15 14.60
C LYS A 884 -20.30 -7.72 13.87
N ALA A 885 -19.57 -6.75 14.45
CA ALA A 885 -18.31 -6.19 13.97
C ALA A 885 -17.19 -7.20 13.86
N TYR A 886 -17.06 -8.07 14.88
CA TYR A 886 -16.07 -9.14 14.89
C TYR A 886 -16.42 -10.15 13.79
N LEU A 887 -17.72 -10.48 13.63
CA LEU A 887 -18.23 -11.37 12.58
C LEU A 887 -17.96 -10.77 11.21
N ALA A 888 -18.13 -9.43 11.07
CA ALA A 888 -17.88 -8.66 9.84
C ALA A 888 -16.42 -8.72 9.39
N ILE A 889 -15.47 -8.72 10.34
CA ILE A 889 -14.05 -8.80 10.01
C ILE A 889 -13.68 -10.24 9.70
N ARG A 890 -14.21 -11.20 10.48
CA ARG A 890 -13.96 -12.63 10.31
C ARG A 890 -14.32 -13.08 8.88
N GLN A 891 -15.44 -12.55 8.32
CA GLN A 891 -15.88 -12.83 6.94
C GLN A 891 -14.95 -12.22 5.87
N HIS A 892 -13.96 -11.40 6.29
CA HIS A 892 -13.02 -10.70 5.39
C HIS A 892 -11.54 -10.93 5.74
N ALA A 893 -11.26 -11.85 6.69
CA ALA A 893 -9.91 -12.21 7.14
C ALA A 893 -8.92 -12.50 6.01
N ASN A 894 -9.38 -12.98 4.84
CA ASN A 894 -8.50 -13.29 3.73
C ASN A 894 -7.81 -12.03 3.20
N LEU A 895 -8.56 -10.90 3.13
CA LEU A 895 -8.08 -9.60 2.67
C LEU A 895 -7.02 -9.10 3.60
N PHE A 896 -7.33 -9.03 4.91
CA PHE A 896 -6.40 -8.55 5.94
C PHE A 896 -5.14 -9.35 5.97
N ILE A 897 -5.25 -10.70 5.84
CA ILE A 897 -4.11 -11.63 5.76
C ILE A 897 -3.23 -11.22 4.55
N ASN A 898 -3.87 -10.96 3.39
CA ASN A 898 -3.19 -10.58 2.15
C ASN A 898 -2.51 -9.23 2.23
N LEU A 899 -3.08 -8.28 2.97
CA LEU A 899 -2.49 -6.95 3.11
C LEU A 899 -1.21 -7.02 3.91
N PHE A 900 -1.17 -7.80 5.01
CA PHE A 900 0.05 -8.00 5.80
C PHE A 900 1.15 -8.77 5.02
N SER A 901 0.80 -9.80 4.21
CA SER A 901 1.75 -10.62 3.44
C SER A 901 2.56 -9.84 2.41
N MET A 902 1.91 -8.83 1.80
CA MET A 902 2.46 -7.94 0.78
C MET A 902 3.52 -7.01 1.39
N MET A 903 3.41 -6.75 2.71
CA MET A 903 4.30 -5.89 3.51
C MET A 903 5.53 -6.62 4.09
N LEU A 904 5.71 -7.93 3.84
CA LEU A 904 6.86 -8.63 4.39
C LEU A 904 8.17 -8.08 3.86
N GLY A 905 8.15 -7.67 2.59
CA GLY A 905 9.24 -7.03 1.87
C GLY A 905 9.64 -5.69 2.49
N SER A 906 8.66 -4.94 3.05
CA SER A 906 8.91 -3.71 3.80
C SER A 906 9.70 -4.16 5.04
N GLY A 907 10.82 -3.51 5.34
CA GLY A 907 11.68 -3.91 6.46
C GLY A 907 11.11 -3.71 7.87
N MET A 908 9.82 -3.99 8.09
CA MET A 908 9.17 -3.76 9.38
C MET A 908 9.46 -4.85 10.42
N PRO A 909 10.01 -4.43 11.59
CA PRO A 909 10.30 -5.40 12.66
C PRO A 909 9.08 -6.14 13.23
N GLU A 910 7.90 -5.49 13.22
CA GLU A 910 6.70 -6.12 13.78
C GLU A 910 5.99 -7.01 12.74
N LEU A 911 6.63 -7.24 11.56
CA LEU A 911 6.09 -8.03 10.44
C LEU A 911 7.25 -8.58 9.59
N GLN A 912 7.99 -9.58 10.11
CA GLN A 912 9.15 -10.10 9.37
C GLN A 912 8.97 -11.54 8.79
N SER A 913 8.01 -12.32 9.31
CA SER A 913 7.75 -13.70 8.85
C SER A 913 6.25 -13.96 8.84
N PHE A 914 5.78 -14.97 8.07
CA PHE A 914 4.36 -15.37 8.02
C PHE A 914 3.80 -15.73 9.40
N ASP A 915 4.70 -16.10 10.35
CA ASP A 915 4.43 -16.43 11.76
C ASP A 915 3.79 -15.23 12.46
N ASP A 916 4.27 -14.00 12.11
CA ASP A 916 3.76 -12.74 12.66
C ASP A 916 2.31 -12.50 12.21
N ILE A 917 2.01 -12.73 10.92
CA ILE A 917 0.67 -12.55 10.35
C ILE A 917 -0.33 -13.51 11.00
N ALA A 918 0.16 -14.71 11.42
CA ALA A 918 -0.64 -15.78 12.05
C ALA A 918 -1.45 -15.32 13.27
N TYR A 919 -0.96 -14.28 13.98
CA TYR A 919 -1.66 -13.73 15.13
C TYR A 919 -3.17 -13.46 14.80
N ILE A 920 -3.50 -12.97 13.57
CA ILE A 920 -4.88 -12.65 13.16
C ILE A 920 -5.66 -13.90 12.65
N ARG A 921 -5.05 -15.08 12.70
CA ARG A 921 -5.73 -16.34 12.39
C ARG A 921 -6.22 -16.83 13.77
N LYS A 922 -5.44 -16.50 14.83
CA LYS A 922 -5.77 -16.82 16.22
C LYS A 922 -6.89 -15.91 16.70
N THR A 923 -6.65 -14.59 16.81
CA THR A 923 -7.62 -13.57 17.25
C THR A 923 -8.90 -13.51 16.44
N LEU A 924 -8.89 -14.08 15.21
CA LEU A 924 -10.06 -14.12 14.34
C LEU A 924 -10.64 -15.53 14.20
N ALA A 925 -10.10 -16.48 15.01
CA ALA A 925 -10.50 -17.90 15.10
C ALA A 925 -11.06 -18.47 13.79
N LEU A 926 -10.14 -18.70 12.83
CA LEU A 926 -10.46 -19.19 11.48
C LEU A 926 -10.65 -20.71 11.44
N ASP A 927 -9.83 -21.43 12.25
CA ASP A 927 -9.85 -22.89 12.42
C ASP A 927 -11.12 -23.37 13.16
N LYS A 928 -11.80 -22.44 13.87
CA LYS A 928 -13.07 -22.63 14.59
C LYS A 928 -14.22 -22.32 13.61
N THR A 929 -15.48 -22.41 14.10
CA THR A 929 -16.69 -22.11 13.29
C THR A 929 -17.24 -20.73 13.69
N GLU A 930 -18.20 -20.17 12.90
CA GLU A 930 -18.83 -18.86 13.12
C GLU A 930 -19.36 -18.70 14.56
N GLN A 931 -20.00 -19.75 15.11
CA GLN A 931 -20.53 -19.77 16.49
C GLN A 931 -19.37 -19.96 17.50
N GLU A 932 -18.36 -20.81 17.15
CA GLU A 932 -17.19 -21.09 18.01
C GLU A 932 -16.30 -19.84 18.20
N ALA A 933 -16.03 -19.10 17.10
CA ALA A 933 -15.26 -17.86 17.08
C ALA A 933 -16.02 -16.78 17.87
N LEU A 934 -17.37 -16.76 17.74
CA LEU A 934 -18.28 -15.85 18.47
C LEU A 934 -18.14 -16.13 19.97
N GLU A 935 -17.98 -17.42 20.34
CA GLU A 935 -17.76 -17.87 21.71
C GLU A 935 -16.35 -17.49 22.18
N TYR A 936 -15.36 -17.45 21.25
CA TYR A 936 -13.97 -17.06 21.54
C TYR A 936 -13.92 -15.57 21.91
N PHE A 937 -14.54 -14.70 21.07
CA PHE A 937 -14.59 -13.26 21.29
C PHE A 937 -15.43 -12.94 22.51
N MET A 938 -16.51 -13.71 22.75
CA MET A 938 -17.39 -13.55 23.91
C MET A 938 -16.59 -13.76 25.20
N LYS A 939 -15.82 -14.88 25.28
CA LYS A 939 -15.01 -15.28 26.42
C LYS A 939 -13.87 -14.32 26.70
N GLN A 940 -13.13 -13.91 25.65
CA GLN A 940 -11.99 -13.01 25.73
C GLN A 940 -12.38 -11.60 26.17
N MET A 941 -13.60 -11.15 25.83
CA MET A 941 -14.12 -9.83 26.20
C MET A 941 -14.61 -9.72 27.65
N ASN A 942 -14.97 -10.86 28.30
CA ASN A 942 -15.40 -10.86 29.70
C ASN A 942 -14.20 -10.71 30.64
N ASP A 943 -13.03 -11.30 30.25
CA ASP A 943 -11.76 -11.19 31.00
C ASP A 943 -11.24 -9.76 30.79
N ALA A 944 -11.22 -8.95 31.87
CA ALA A 944 -10.78 -7.55 31.84
C ALA A 944 -9.53 -7.27 32.71
#